data_4MGW
# 
_entry.id   4MGW 
# 
_audit_conform.dict_name       mmcif_pdbx.dic 
_audit_conform.dict_version    5.387 
_audit_conform.dict_location   http://mmcif.pdb.org/dictionaries/ascii/mmcif_pdbx.dic 
# 
loop_
_database_2.database_id 
_database_2.database_code 
_database_2.pdbx_database_accession 
_database_2.pdbx_DOI 
PDB   4MGW         pdb_00004mgw 10.2210/pdb4mgw/pdb 
NDB   NA2716       ?            ?                   
RCSB  RCSB081895   ?            ?                   
WWPDB D_1000081895 ?            ?                   
# 
loop_
_pdbx_audit_revision_history.ordinal 
_pdbx_audit_revision_history.data_content_type 
_pdbx_audit_revision_history.major_revision 
_pdbx_audit_revision_history.minor_revision 
_pdbx_audit_revision_history.revision_date 
1 'Structure model' 1 0 2013-11-06 
2 'Structure model' 1 1 2013-12-11 
3 'Structure model' 1 2 2024-02-28 
# 
_pdbx_audit_revision_details.ordinal             1 
_pdbx_audit_revision_details.revision_ordinal    1 
_pdbx_audit_revision_details.data_content_type   'Structure model' 
_pdbx_audit_revision_details.provider            repository 
_pdbx_audit_revision_details.type                'Initial release' 
_pdbx_audit_revision_details.description         ? 
_pdbx_audit_revision_details.details             ? 
# 
loop_
_pdbx_audit_revision_group.ordinal 
_pdbx_audit_revision_group.revision_ordinal 
_pdbx_audit_revision_group.data_content_type 
_pdbx_audit_revision_group.group 
1 2 'Structure model' 'Database references'  
2 3 'Structure model' 'Data collection'      
3 3 'Structure model' 'Database references'  
4 3 'Structure model' 'Derived calculations' 
# 
loop_
_pdbx_audit_revision_category.ordinal 
_pdbx_audit_revision_category.revision_ordinal 
_pdbx_audit_revision_category.data_content_type 
_pdbx_audit_revision_category.category 
1 3 'Structure model' chem_comp_atom         
2 3 'Structure model' chem_comp_bond         
3 3 'Structure model' database_2             
4 3 'Structure model' pdbx_struct_conn_angle 
5 3 'Structure model' struct_conn            
6 3 'Structure model' struct_site            
# 
loop_
_pdbx_audit_revision_item.ordinal 
_pdbx_audit_revision_item.revision_ordinal 
_pdbx_audit_revision_item.data_content_type 
_pdbx_audit_revision_item.item 
1  3 'Structure model' '_database_2.pdbx_DOI'                        
2  3 'Structure model' '_database_2.pdbx_database_accession'         
3  3 'Structure model' '_pdbx_struct_conn_angle.ptnr1_auth_asym_id'  
4  3 'Structure model' '_pdbx_struct_conn_angle.ptnr1_auth_seq_id'   
5  3 'Structure model' '_pdbx_struct_conn_angle.ptnr1_label_asym_id' 
6  3 'Structure model' '_pdbx_struct_conn_angle.ptnr3_auth_asym_id'  
7  3 'Structure model' '_pdbx_struct_conn_angle.ptnr3_auth_seq_id'   
8  3 'Structure model' '_pdbx_struct_conn_angle.ptnr3_label_asym_id' 
9  3 'Structure model' '_pdbx_struct_conn_angle.value'               
10 3 'Structure model' '_struct_conn.conn_type_id'                   
11 3 'Structure model' '_struct_conn.id'                             
12 3 'Structure model' '_struct_conn.pdbx_dist_value'                
13 3 'Structure model' '_struct_conn.pdbx_leaving_atom_flag'         
14 3 'Structure model' '_struct_conn.ptnr1_auth_asym_id'             
15 3 'Structure model' '_struct_conn.ptnr1_auth_comp_id'             
16 3 'Structure model' '_struct_conn.ptnr1_auth_seq_id'              
17 3 'Structure model' '_struct_conn.ptnr1_label_asym_id'            
18 3 'Structure model' '_struct_conn.ptnr1_label_atom_id'            
19 3 'Structure model' '_struct_conn.ptnr1_label_comp_id'            
20 3 'Structure model' '_struct_conn.ptnr1_label_seq_id'             
21 3 'Structure model' '_struct_conn.ptnr2_auth_asym_id'             
22 3 'Structure model' '_struct_conn.ptnr2_auth_comp_id'             
23 3 'Structure model' '_struct_conn.ptnr2_auth_seq_id'              
24 3 'Structure model' '_struct_conn.ptnr2_label_asym_id'            
25 3 'Structure model' '_struct_conn.ptnr2_label_atom_id'            
26 3 'Structure model' '_struct_conn.ptnr2_label_comp_id'            
27 3 'Structure model' '_struct_conn.ptnr2_label_seq_id'             
28 3 'Structure model' '_struct_site.pdbx_auth_asym_id'              
29 3 'Structure model' '_struct_site.pdbx_auth_comp_id'              
30 3 'Structure model' '_struct_site.pdbx_auth_seq_id'               
# 
_pdbx_database_status.status_code                     REL 
_pdbx_database_status.entry_id                        4MGW 
_pdbx_database_status.recvd_initial_deposition_date   2013-08-29 
_pdbx_database_status.deposit_site                    RCSB 
_pdbx_database_status.process_site                    RCSB 
_pdbx_database_status.status_code_sf                  REL 
_pdbx_database_status.status_code_mr                  ? 
_pdbx_database_status.SG_entry                        ? 
_pdbx_database_status.status_code_cs                  ? 
_pdbx_database_status.methods_development_category    ? 
_pdbx_database_status.pdb_format_compatible           Y 
_pdbx_database_status.status_code_nmr_data            ? 
# 
loop_
_audit_author.name 
_audit_author.pdbx_ordinal 
'Theruvathu, J.A.'       1 
'Whitney, Y.'            2 
'Montgomery Pettitt, B.' 3 
'Sowers, L.C.'           4 
# 
_citation.id                        primary 
_citation.title                     
'Comparison of the structural and dynamic effects of 5-methylcytosine and 5-chlorocytosine in a CpG dinucleotide sequence.' 
_citation.journal_abbrev            Biochemistry 
_citation.journal_volume            52 
_citation.page_first                8590 
_citation.page_last                 8598 
_citation.year                      2013 
_citation.journal_id_ASTM           BICHAW 
_citation.country                   US 
_citation.journal_id_ISSN           0006-2960 
_citation.journal_id_CSD            0033 
_citation.book_publisher            ? 
_citation.pdbx_database_id_PubMed   24147911 
_citation.pdbx_database_id_DOI      10.1021/bi400980c 
# 
loop_
_citation_author.citation_id 
_citation_author.name 
_citation_author.ordinal 
_citation_author.identifier_ORCID 
primary 'Theruvathu, J.A.' 1 ? 
primary 'Yin, Y.W.'        2 ? 
primary 'Pettitt, B.M.'    3 ? 
primary 'Sowers, L.C.'     4 ? 
# 
loop_
_entity.id 
_entity.type 
_entity.src_method 
_entity.pdbx_description 
_entity.formula_weight 
_entity.pdbx_number_of_molecules 
_entity.pdbx_ec 
_entity.pdbx_mutation 
_entity.pdbx_fragment 
_entity.details 
1 polymer     syn 'ClC containing Dickerson-Drew dodecamer' 3695.821 2  ? ? ? ? 
2 non-polymer syn 'MAGNESIUM ION'                           24.305   1  ? ? ? ? 
3 water       nat water                                     18.015   38 ? ? ? ? 
# 
_entity_poly.entity_id                      1 
_entity_poly.type                           polydeoxyribonucleotide 
_entity_poly.nstd_linkage                   no 
_entity_poly.nstd_monomer                   yes 
_entity_poly.pdbx_seq_one_letter_code       '(DC)(DG)(2GF)(DG)(DA)(DA)(DT)(DT)(DC)(DG)(DC)(DG)' 
_entity_poly.pdbx_seq_one_letter_code_can   CGXGAATTCGCG 
_entity_poly.pdbx_strand_id                 A,B 
_entity_poly.pdbx_target_identifier         ? 
# 
loop_
_pdbx_entity_nonpoly.entity_id 
_pdbx_entity_nonpoly.name 
_pdbx_entity_nonpoly.comp_id 
2 'MAGNESIUM ION' MG  
3 water           HOH 
# 
loop_
_entity_poly_seq.entity_id 
_entity_poly_seq.num 
_entity_poly_seq.mon_id 
_entity_poly_seq.hetero 
1 1  DC  n 
1 2  DG  n 
1 3  2GF n 
1 4  DG  n 
1 5  DA  n 
1 6  DA  n 
1 7  DT  n 
1 8  DT  n 
1 9  DC  n 
1 10 DG  n 
1 11 DC  n 
1 12 DG  n 
# 
loop_
_chem_comp.id 
_chem_comp.type 
_chem_comp.mon_nstd_flag 
_chem_comp.name 
_chem_comp.pdbx_synonyms 
_chem_comp.formula 
_chem_comp.formula_weight 
2GF 'DNA linking' . '[(2R,5R)-5-(4-amino-5-chloro-2-oxopyrimidin-1(2H)-yl)-3-oxotetrahydrofuran-2-yl]methyl dihydrogen phosphate' 
;5-CHLORO DEOXYCYTIDINE-5'-MONOPHOSPHATE
;
'C9 H11 Cl N3 O7 P' 339.626 
DA  'DNA linking' y "2'-DEOXYADENOSINE-5'-MONOPHOSPHATE"                                                                          
?                                         'C10 H14 N5 O6 P'   331.222 
DC  'DNA linking' y "2'-DEOXYCYTIDINE-5'-MONOPHOSPHATE"                                                                           
?                                         'C9 H14 N3 O7 P'    307.197 
DG  'DNA linking' y "2'-DEOXYGUANOSINE-5'-MONOPHOSPHATE"                                                                          
?                                         'C10 H14 N5 O7 P'   347.221 
DT  'DNA linking' y "THYMIDINE-5'-MONOPHOSPHATE"                                                                                  
?                                         'C10 H15 N2 O8 P'   322.208 
HOH non-polymer   . WATER                                                                                                         
?                                         'H2 O'              18.015  
MG  non-polymer   . 'MAGNESIUM ION'                                                                                               
?                                         'Mg 2'              24.305  
# 
loop_
_pdbx_poly_seq_scheme.asym_id 
_pdbx_poly_seq_scheme.entity_id 
_pdbx_poly_seq_scheme.seq_id 
_pdbx_poly_seq_scheme.mon_id 
_pdbx_poly_seq_scheme.ndb_seq_num 
_pdbx_poly_seq_scheme.pdb_seq_num 
_pdbx_poly_seq_scheme.auth_seq_num 
_pdbx_poly_seq_scheme.pdb_mon_id 
_pdbx_poly_seq_scheme.auth_mon_id 
_pdbx_poly_seq_scheme.pdb_strand_id 
_pdbx_poly_seq_scheme.pdb_ins_code 
_pdbx_poly_seq_scheme.hetero 
A 1 1  DC  1  1  1  DC  DC  A . n 
A 1 2  DG  2  2  2  DG  DG  A . n 
A 1 3  2GF 3  3  3  2GF CLC A . n 
A 1 4  DG  4  4  4  DG  DG  A . n 
A 1 5  DA  5  5  5  DA  DA  A . n 
A 1 6  DA  6  6  6  DA  DA  A . n 
A 1 7  DT  7  7  7  DT  DT  A . n 
A 1 8  DT  8  8  8  DT  DT  A . n 
A 1 9  DC  9  9  9  DC  DC  A . n 
A 1 10 DG  10 10 10 DG  DG  A . n 
A 1 11 DC  11 11 11 DC  DC  A . n 
A 1 12 DG  12 12 12 DG  DG  A . n 
B 1 1  DC  1  13 13 DC  DC  B . n 
B 1 2  DG  2  14 14 DG  DG  B . n 
B 1 3  2GF 3  15 15 2GF CLC B . n 
B 1 4  DG  4  16 16 DG  DG  B . n 
B 1 5  DA  5  17 17 DA  DA  B . n 
B 1 6  DA  6  18 18 DA  DA  B . n 
B 1 7  DT  7  19 19 DT  DT  B . n 
B 1 8  DT  8  20 20 DT  DT  B . n 
B 1 9  DC  9  21 21 DC  DC  B . n 
B 1 10 DG  10 22 22 DG  DG  B . n 
B 1 11 DC  11 23 23 DC  DC  B . n 
B 1 12 DG  12 24 24 DG  DG  B . n 
# 
loop_
_pdbx_nonpoly_scheme.asym_id 
_pdbx_nonpoly_scheme.entity_id 
_pdbx_nonpoly_scheme.mon_id 
_pdbx_nonpoly_scheme.ndb_seq_num 
_pdbx_nonpoly_scheme.pdb_seq_num 
_pdbx_nonpoly_scheme.auth_seq_num 
_pdbx_nonpoly_scheme.pdb_mon_id 
_pdbx_nonpoly_scheme.auth_mon_id 
_pdbx_nonpoly_scheme.pdb_strand_id 
_pdbx_nonpoly_scheme.pdb_ins_code 
C 2 MG  1  101 25 MG  MG  A . 
D 3 HOH 1  201 1  HOH HOH A . 
D 3 HOH 2  202 4  HOH HOH A . 
D 3 HOH 3  203 5  HOH HOH A . 
D 3 HOH 4  204 7  HOH HOH A . 
D 3 HOH 5  205 11 HOH HOH A . 
D 3 HOH 6  206 12 HOH HOH A . 
D 3 HOH 7  207 16 HOH HOH A . 
D 3 HOH 8  208 17 HOH HOH A . 
D 3 HOH 9  209 18 HOH HOH A . 
D 3 HOH 10 210 20 HOH HOH A . 
D 3 HOH 11 211 21 HOH HOH A . 
D 3 HOH 12 212 26 HOH HOH A . 
D 3 HOH 13 213 27 HOH HOH A . 
D 3 HOH 14 214 29 HOH HOH A . 
D 3 HOH 15 215 31 HOH HOH A . 
D 3 HOH 16 216 32 HOH HOH A . 
D 3 HOH 17 217 33 HOH HOH A . 
D 3 HOH 18 218 36 HOH HOH A . 
D 3 HOH 19 219 37 HOH HOH A . 
E 3 HOH 1  101 2  HOH HOH B . 
E 3 HOH 2  102 3  HOH HOH B . 
E 3 HOH 3  103 6  HOH HOH B . 
E 3 HOH 4  104 8  HOH HOH B . 
E 3 HOH 5  105 9  HOH HOH B . 
E 3 HOH 6  106 10 HOH HOH B . 
E 3 HOH 7  107 13 HOH HOH B . 
E 3 HOH 8  108 14 HOH HOH B . 
E 3 HOH 9  109 15 HOH HOH B . 
E 3 HOH 10 110 19 HOH HOH B . 
E 3 HOH 11 111 22 HOH HOH B . 
E 3 HOH 12 112 23 HOH HOH B . 
E 3 HOH 13 113 24 HOH HOH B . 
E 3 HOH 14 114 25 HOH HOH B . 
E 3 HOH 15 115 28 HOH HOH B . 
E 3 HOH 16 116 30 HOH HOH B . 
E 3 HOH 17 117 34 HOH HOH B . 
E 3 HOH 18 118 35 HOH HOH B . 
E 3 HOH 19 119 38 HOH HOH B . 
# 
_software.name             PHENIX 
_software.classification   refinement 
_software.version          '(phenix.refine: 1.8.1_1168)' 
_software.citation_id      ? 
_software.pdbx_ordinal     1 
# 
_cell.entry_id           4MGW 
_cell.length_a           24.629 
_cell.length_b           39.918 
_cell.length_c           65.364 
_cell.angle_alpha        90.00 
_cell.angle_beta         90.00 
_cell.angle_gamma        90.00 
_cell.Z_PDB              8 
_cell.pdbx_unique_axis   ? 
_cell.length_a_esd       ? 
_cell.length_b_esd       ? 
_cell.length_c_esd       ? 
_cell.angle_alpha_esd    ? 
_cell.angle_beta_esd     ? 
_cell.angle_gamma_esd    ? 
# 
_symmetry.entry_id                         4MGW 
_symmetry.space_group_name_H-M             'P 21 21 21' 
_symmetry.pdbx_full_space_group_name_H-M   ? 
_symmetry.cell_setting                     ? 
_symmetry.Int_Tables_number                19 
_symmetry.space_group_name_Hall            ? 
# 
_exptl.entry_id          4MGW 
_exptl.method            'X-RAY DIFFRACTION' 
_exptl.crystals_number   1 
# 
_exptl_crystal.id                    1 
_exptl_crystal.density_meas          ? 
_exptl_crystal.density_Matthews      2.17 
_exptl_crystal.density_percent_sol   43.41 
_exptl_crystal.description           ? 
_exptl_crystal.F_000                 ? 
_exptl_crystal.preparation           ? 
# 
_exptl_crystal_grow.crystal_id      1 
_exptl_crystal_grow.method          'VAPOR DIFFUSION, HANGING DROP' 
_exptl_crystal_grow.temp            290 
_exptl_crystal_grow.temp_details    ? 
_exptl_crystal_grow.pH              7.0 
_exptl_crystal_grow.pdbx_details    
'35-40% 2-methyl-2,4-pentanediol (MPD), 5-10 mM spermine and 5-10 mM MgCl2, pH 7.0, VAPOR DIFFUSION, HANGING DROP, temperature 290K' 
_exptl_crystal_grow.pdbx_pH_range   ? 
# 
_diffrn.id                     1 
_diffrn.ambient_temp           100 
_diffrn.ambient_temp_details   ? 
_diffrn.crystal_id             1 
# 
_diffrn_detector.diffrn_id              1 
_diffrn_detector.detector               CCD 
_diffrn_detector.type                   'ADSC QUANTUM 315r' 
_diffrn_detector.pdbx_collection_date   ? 
_diffrn_detector.details                ? 
# 
_diffrn_radiation.diffrn_id                        1 
_diffrn_radiation.wavelength_id                    1 
_diffrn_radiation.pdbx_monochromatic_or_laue_m_l   M 
_diffrn_radiation.monochromator                    ? 
_diffrn_radiation.pdbx_diffrn_protocol             'SINGLE WAVELENGTH' 
_diffrn_radiation.pdbx_scattering_type             x-ray 
# 
_diffrn_radiation_wavelength.id           1 
_diffrn_radiation_wavelength.wavelength   1.00 
_diffrn_radiation_wavelength.wt           1.0 
# 
_diffrn_source.diffrn_id                   1 
_diffrn_source.source                      SYNCHROTRON 
_diffrn_source.type                        'APS BEAMLINE 19-ID' 
_diffrn_source.pdbx_synchrotron_site       APS 
_diffrn_source.pdbx_synchrotron_beamline   19-ID 
_diffrn_source.pdbx_wavelength             ? 
_diffrn_source.pdbx_wavelength_list        1.00 
# 
_reflns.entry_id                     4MGW 
_reflns.observed_criterion_sigma_I   2 
_reflns.observed_criterion_sigma_F   2 
_reflns.d_resolution_low             10 
_reflns.d_resolution_high            1.93 
_reflns.number_obs                   4411 
_reflns.number_all                   4411 
_reflns.percent_possible_obs         100 
_reflns.pdbx_Rmerge_I_obs            ? 
_reflns.pdbx_Rsym_value              ? 
_reflns.pdbx_netI_over_sigmaI        ? 
_reflns.B_iso_Wilson_estimate        ? 
_reflns.pdbx_redundancy              ? 
_reflns.R_free_details               ? 
_reflns.limit_h_max                  ? 
_reflns.limit_h_min                  ? 
_reflns.limit_k_max                  ? 
_reflns.limit_k_min                  ? 
_reflns.limit_l_max                  ? 
_reflns.limit_l_min                  ? 
_reflns.observed_criterion_F_max     ? 
_reflns.observed_criterion_F_min     ? 
_reflns.pdbx_chi_squared             ? 
_reflns.pdbx_scaling_rejects         ? 
_reflns.pdbx_ordinal                 1 
_reflns.pdbx_diffrn_id               1 
# 
_refine.entry_id                                 4MGW 
_refine.ls_number_reflns_obs                     4395 
_refine.ls_number_reflns_all                     4411 
_refine.pdbx_ls_sigma_I                          ? 
_refine.pdbx_ls_sigma_F                          1.34 
_refine.pdbx_data_cutoff_high_absF               ? 
_refine.pdbx_data_cutoff_low_absF                ? 
_refine.pdbx_data_cutoff_high_rms_absF           ? 
_refine.ls_d_res_low                             9.995 
_refine.ls_d_res_high                            1.930 
_refine.ls_percent_reflns_obs                    85.06 
_refine.ls_R_factor_obs                          0.1989 
_refine.ls_R_factor_all                          ? 
_refine.ls_R_factor_R_work                       0.1957 
_refine.ls_R_factor_R_free                       0.2629 
_refine.ls_R_factor_R_free_error                 ? 
_refine.ls_R_factor_R_free_error_details         ? 
_refine.ls_percent_reflns_R_free                 5.01 
_refine.ls_number_reflns_R_free                  220 
_refine.ls_number_parameters                     ? 
_refine.ls_number_restraints                     ? 
_refine.occupancy_min                            ? 
_refine.occupancy_max                            ? 
_refine.correlation_coeff_Fo_to_Fc               ? 
_refine.correlation_coeff_Fo_to_Fc_free          ? 
_refine.B_iso_mean                               ? 
_refine.aniso_B[1][1]                            ? 
_refine.aniso_B[2][2]                            ? 
_refine.aniso_B[3][3]                            ? 
_refine.aniso_B[1][2]                            ? 
_refine.aniso_B[1][3]                            ? 
_refine.aniso_B[2][3]                            ? 
_refine.solvent_model_details                    'FLAT BULK SOLVENT MODEL' 
_refine.solvent_model_param_ksol                 ? 
_refine.solvent_model_param_bsol                 ? 
_refine.pdbx_solvent_vdw_probe_radii             1.11 
_refine.pdbx_solvent_ion_probe_radii             ? 
_refine.pdbx_solvent_shrinkage_radii             0.90 
_refine.pdbx_ls_cross_valid_method               ? 
_refine.details                                  ? 
_refine.pdbx_starting_model                      ? 
_refine.pdbx_method_to_determine_struct          'MOLECULAR REPLACEMENT' 
_refine.pdbx_isotropic_thermal_model             ? 
_refine.pdbx_stereochemistry_target_values       ML 
_refine.pdbx_stereochem_target_val_spec_case     ? 
_refine.pdbx_R_Free_selection_details            Random 
_refine.pdbx_overall_ESU_R                       ? 
_refine.pdbx_overall_ESU_R_Free                  ? 
_refine.overall_SU_ML                            0.22 
_refine.pdbx_overall_phase_error                 32.45 
_refine.overall_SU_B                             ? 
_refine.overall_SU_R_Cruickshank_DPI             ? 
_refine.ls_redundancy_reflns_obs                 ? 
_refine.B_iso_min                                ? 
_refine.B_iso_max                                ? 
_refine.overall_SU_R_free                        ? 
_refine.ls_wR_factor_R_free                      ? 
_refine.ls_wR_factor_R_work                      ? 
_refine.overall_FOM_free_R_set                   ? 
_refine.overall_FOM_work_R_set                   ? 
_refine.pdbx_diffrn_id                           1 
_refine.pdbx_refine_id                           'X-RAY DIFFRACTION' 
_refine.pdbx_TLS_residual_ADP_flag               ? 
_refine.pdbx_overall_SU_R_free_Cruickshank_DPI   ? 
_refine.pdbx_overall_SU_R_Blow_DPI               ? 
_refine.pdbx_overall_SU_R_free_Blow_DPI          ? 
# 
_refine_hist.pdbx_refine_id                   'X-RAY DIFFRACTION' 
_refine_hist.cycle_id                         LAST 
_refine_hist.pdbx_number_atoms_protein        0 
_refine_hist.pdbx_number_atoms_nucleic_acid   488 
_refine_hist.pdbx_number_atoms_ligand         1 
_refine_hist.number_atoms_solvent             38 
_refine_hist.number_atoms_total               527 
_refine_hist.d_res_high                       1.930 
_refine_hist.d_res_low                        9.995 
# 
loop_
_refine_ls_restr.type 
_refine_ls_restr.dev_ideal 
_refine_ls_restr.dev_ideal_target 
_refine_ls_restr.weight 
_refine_ls_restr.number 
_refine_ls_restr.pdbx_restraint_function 
_refine_ls_restr.pdbx_refine_id 
f_bond_d           0.010  ? ? 546 ? 'X-RAY DIFFRACTION' 
f_angle_d          1.985  ? ? 840 ? 'X-RAY DIFFRACTION' 
f_dihedral_angle_d 32.361 ? ? 228 ? 'X-RAY DIFFRACTION' 
f_chiral_restr     0.060  ? ? 90  ? 'X-RAY DIFFRACTION' 
f_plane_restr      0.009  ? ? 26  ? 'X-RAY DIFFRACTION' 
# 
loop_
_refine_ls_shell.pdbx_total_number_of_bins_used 
_refine_ls_shell.d_res_high 
_refine_ls_shell.d_res_low 
_refine_ls_shell.number_reflns_R_work 
_refine_ls_shell.R_factor_R_work 
_refine_ls_shell.percent_reflns_obs 
_refine_ls_shell.R_factor_R_free 
_refine_ls_shell.R_factor_R_free_error 
_refine_ls_shell.percent_reflns_R_free 
_refine_ls_shell.number_reflns_R_free 
_refine_ls_shell.number_reflns_all 
_refine_ls_shell.R_factor_all 
_refine_ls_shell.number_reflns_obs 
_refine_ls_shell.redundancy_reflns_obs 
_refine_ls_shell.pdbx_refine_id 
. 1.9302 2.4261 2006 0.2662 83.00 0.3770 . . 104 . . . . 'X-RAY DIFFRACTION' 
. 2.4261 9.9950 2169 0.1791 87.00 0.2360 . . 116 . . . . 'X-RAY DIFFRACTION' 
# 
_struct.entry_id                  4MGW 
_struct.title                     
'Comparison of the structural and dynamic effects of 5-methylcytosine and 5-chlorocytosine in a CpG dinucleotide sequence' 
_struct.pdbx_model_details        ? 
_struct.pdbx_CASP_flag            ? 
_struct.pdbx_model_type_details   ? 
# 
_struct_keywords.entry_id        4MGW 
_struct_keywords.pdbx_keywords   DNA 
_struct_keywords.text            'DNA dodecamer, Structural study of DNA, DNA' 
# 
loop_
_struct_asym.id 
_struct_asym.pdbx_blank_PDB_chainid_flag 
_struct_asym.pdbx_modified 
_struct_asym.entity_id 
_struct_asym.details 
A N N 1 ? 
B N N 1 ? 
C N N 2 ? 
D N N 3 ? 
E N N 3 ? 
# 
_struct_ref.id                         1 
_struct_ref.db_name                    PDB 
_struct_ref.db_code                    4MGW 
_struct_ref.pdbx_db_accession          4MGW 
_struct_ref.entity_id                  1 
_struct_ref.pdbx_align_begin           ? 
_struct_ref.pdbx_seq_one_letter_code   ? 
_struct_ref.pdbx_db_isoform            ? 
# 
loop_
_struct_ref_seq.align_id 
_struct_ref_seq.ref_id 
_struct_ref_seq.pdbx_PDB_id_code 
_struct_ref_seq.pdbx_strand_id 
_struct_ref_seq.seq_align_beg 
_struct_ref_seq.pdbx_seq_align_beg_ins_code 
_struct_ref_seq.seq_align_end 
_struct_ref_seq.pdbx_seq_align_end_ins_code 
_struct_ref_seq.pdbx_db_accession 
_struct_ref_seq.db_align_beg 
_struct_ref_seq.pdbx_db_align_beg_ins_code 
_struct_ref_seq.db_align_end 
_struct_ref_seq.pdbx_db_align_end_ins_code 
_struct_ref_seq.pdbx_auth_seq_align_beg 
_struct_ref_seq.pdbx_auth_seq_align_end 
1 1 4MGW A 1 ? 12 ? 4MGW 1  ? 12 ? 1  12 
2 1 4MGW B 1 ? 12 ? 4MGW 13 ? 24 ? 13 24 
# 
_pdbx_struct_assembly.id                   1 
_pdbx_struct_assembly.details              author_and_software_defined_assembly 
_pdbx_struct_assembly.method_details       PISA 
_pdbx_struct_assembly.oligomeric_details   dimeric 
_pdbx_struct_assembly.oligomeric_count     2 
# 
loop_
_pdbx_struct_assembly_prop.biol_id 
_pdbx_struct_assembly_prop.type 
_pdbx_struct_assembly_prop.value 
_pdbx_struct_assembly_prop.details 
1 'ABSA (A^2)' 1200 ? 
1 MORE         -9   ? 
1 'SSA (A^2)'  4600 ? 
# 
_pdbx_struct_assembly_gen.assembly_id       1 
_pdbx_struct_assembly_gen.oper_expression   1 
_pdbx_struct_assembly_gen.asym_id_list      A,B,C,D,E 
# 
_pdbx_struct_oper_list.id                   1 
_pdbx_struct_oper_list.type                 'identity operation' 
_pdbx_struct_oper_list.name                 1_555 
_pdbx_struct_oper_list.symmetry_operation   x,y,z 
_pdbx_struct_oper_list.matrix[1][1]         1.0000000000 
_pdbx_struct_oper_list.matrix[1][2]         0.0000000000 
_pdbx_struct_oper_list.matrix[1][3]         0.0000000000 
_pdbx_struct_oper_list.vector[1]            0.0000000000 
_pdbx_struct_oper_list.matrix[2][1]         0.0000000000 
_pdbx_struct_oper_list.matrix[2][2]         1.0000000000 
_pdbx_struct_oper_list.matrix[2][3]         0.0000000000 
_pdbx_struct_oper_list.vector[2]            0.0000000000 
_pdbx_struct_oper_list.matrix[3][1]         0.0000000000 
_pdbx_struct_oper_list.matrix[3][2]         0.0000000000 
_pdbx_struct_oper_list.matrix[3][3]         1.0000000000 
_pdbx_struct_oper_list.vector[3]            0.0000000000 
# 
_struct_biol.id        1 
_struct_biol.details   ? 
# 
loop_
_struct_conn.id 
_struct_conn.conn_type_id 
_struct_conn.pdbx_leaving_atom_flag 
_struct_conn.pdbx_PDB_id 
_struct_conn.ptnr1_label_asym_id 
_struct_conn.ptnr1_label_comp_id 
_struct_conn.ptnr1_label_seq_id 
_struct_conn.ptnr1_label_atom_id 
_struct_conn.pdbx_ptnr1_label_alt_id 
_struct_conn.pdbx_ptnr1_PDB_ins_code 
_struct_conn.pdbx_ptnr1_standard_comp_id 
_struct_conn.ptnr1_symmetry 
_struct_conn.ptnr2_label_asym_id 
_struct_conn.ptnr2_label_comp_id 
_struct_conn.ptnr2_label_seq_id 
_struct_conn.ptnr2_label_atom_id 
_struct_conn.pdbx_ptnr2_label_alt_id 
_struct_conn.pdbx_ptnr2_PDB_ins_code 
_struct_conn.ptnr1_auth_asym_id 
_struct_conn.ptnr1_auth_comp_id 
_struct_conn.ptnr1_auth_seq_id 
_struct_conn.ptnr2_auth_asym_id 
_struct_conn.ptnr2_auth_comp_id 
_struct_conn.ptnr2_auth_seq_id 
_struct_conn.ptnr2_symmetry 
_struct_conn.pdbx_ptnr3_label_atom_id 
_struct_conn.pdbx_ptnr3_label_seq_id 
_struct_conn.pdbx_ptnr3_label_comp_id 
_struct_conn.pdbx_ptnr3_label_asym_id 
_struct_conn.pdbx_ptnr3_label_alt_id 
_struct_conn.pdbx_ptnr3_PDB_ins_code 
_struct_conn.details 
_struct_conn.pdbx_dist_value 
_struct_conn.pdbx_value_order 
_struct_conn.pdbx_role 
covale1  covale both ? A DG  2  "O3'" ? ? ? 1_555 A 2GF 3  P  ? ? A DG  2   A 2GF 3   1_555 ? ? ? ? ? ? ?            1.611 ? ? 
covale2  covale one  ? A 2GF 3  "O3'" ? ? ? 1_555 A DG  4  P  ? ? A 2GF 3   A DG  4   1_555 ? ? ? ? ? ? ?            1.603 ? ? 
covale3  covale both ? B DG  2  "O3'" ? ? ? 1_555 B 2GF 3  P  ? ? B DG  14  B 2GF 15  1_555 ? ? ? ? ? ? ?            1.602 ? ? 
covale4  covale one  ? B 2GF 3  "O3'" ? ? ? 1_555 B DG  4  P  ? ? B 2GF 15  B DG  16  1_555 ? ? ? ? ? ? ?            1.594 ? ? 
metalc1  metalc ?    ? C MG  .  MG    ? ? ? 1_555 D HOH .  O  ? ? A MG  101 A HOH 201 1_555 ? ? ? ? ? ? ?            1.819 ? ? 
metalc2  metalc ?    ? C MG  .  MG    ? ? ? 1_555 D HOH .  O  ? ? A MG  101 A HOH 212 1_555 ? ? ? ? ? ? ?            1.987 ? ? 
metalc3  metalc ?    ? C MG  .  MG    ? ? ? 1_555 D HOH .  O  ? ? A MG  101 A HOH 213 1_555 ? ? ? ? ? ? ?            2.126 ? ? 
metalc4  metalc ?    ? C MG  .  MG    ? ? ? 1_555 E HOH .  O  ? ? A MG  101 B HOH 101 1_555 ? ? ? ? ? ? ?            1.840 ? ? 
metalc5  metalc ?    ? C MG  .  MG    ? ? ? 1_555 E HOH .  O  ? ? A MG  101 B HOH 102 1_555 ? ? ? ? ? ? ?            1.823 ? ? 
metalc6  metalc ?    ? C MG  .  MG    ? ? ? 1_555 E HOH .  O  ? ? A MG  101 B HOH 115 1_555 ? ? ? ? ? ? ?            2.086 ? ? 
hydrog1  hydrog ?    ? A DC  1  N3    ? ? ? 1_555 B DG  12 N1 ? ? A DC  1   B DG  24  1_555 ? ? ? ? ? ? WATSON-CRICK ?     ? ? 
hydrog2  hydrog ?    ? A DC  1  N4    ? ? ? 1_555 B DG  12 O6 ? ? A DC  1   B DG  24  1_555 ? ? ? ? ? ? WATSON-CRICK ?     ? ? 
hydrog3  hydrog ?    ? A DC  1  O2    ? ? ? 1_555 B DG  12 N2 ? ? A DC  1   B DG  24  1_555 ? ? ? ? ? ? WATSON-CRICK ?     ? ? 
hydrog4  hydrog ?    ? A DG  2  N1    ? ? ? 1_555 B DC  11 N3 ? ? A DG  2   B DC  23  1_555 ? ? ? ? ? ? WATSON-CRICK ?     ? ? 
hydrog5  hydrog ?    ? A DG  2  N2    ? ? ? 1_555 B DC  11 O2 ? ? A DG  2   B DC  23  1_555 ? ? ? ? ? ? WATSON-CRICK ?     ? ? 
hydrog6  hydrog ?    ? A DG  2  O6    ? ? ? 1_555 B DC  11 N4 ? ? A DG  2   B DC  23  1_555 ? ? ? ? ? ? WATSON-CRICK ?     ? ? 
hydrog7  hydrog ?    ? A DG  4  N1    ? ? ? 1_555 B DC  9  N3 ? ? A DG  4   B DC  21  1_555 ? ? ? ? ? ? WATSON-CRICK ?     ? ? 
hydrog8  hydrog ?    ? A DG  4  N2    ? ? ? 1_555 B DC  9  O2 ? ? A DG  4   B DC  21  1_555 ? ? ? ? ? ? WATSON-CRICK ?     ? ? 
hydrog9  hydrog ?    ? A DG  4  O6    ? ? ? 1_555 B DC  9  N4 ? ? A DG  4   B DC  21  1_555 ? ? ? ? ? ? WATSON-CRICK ?     ? ? 
hydrog10 hydrog ?    ? A DA  5  N1    ? ? ? 1_555 B DT  8  N3 ? ? A DA  5   B DT  20  1_555 ? ? ? ? ? ? WATSON-CRICK ?     ? ? 
hydrog11 hydrog ?    ? A DA  5  N6    ? ? ? 1_555 B DT  8  O4 ? ? A DA  5   B DT  20  1_555 ? ? ? ? ? ? WATSON-CRICK ?     ? ? 
hydrog12 hydrog ?    ? A DA  6  N1    ? ? ? 1_555 B DT  7  N3 ? ? A DA  6   B DT  19  1_555 ? ? ? ? ? ? WATSON-CRICK ?     ? ? 
hydrog13 hydrog ?    ? A DA  6  N6    ? ? ? 1_555 B DT  7  O4 ? ? A DA  6   B DT  19  1_555 ? ? ? ? ? ? WATSON-CRICK ?     ? ? 
hydrog14 hydrog ?    ? A DT  7  N3    ? ? ? 1_555 B DA  6  N1 ? ? A DT  7   B DA  18  1_555 ? ? ? ? ? ? WATSON-CRICK ?     ? ? 
hydrog15 hydrog ?    ? A DT  7  O4    ? ? ? 1_555 B DA  6  N6 ? ? A DT  7   B DA  18  1_555 ? ? ? ? ? ? WATSON-CRICK ?     ? ? 
hydrog16 hydrog ?    ? A DT  8  N3    ? ? ? 1_555 B DA  5  N1 ? ? A DT  8   B DA  17  1_555 ? ? ? ? ? ? WATSON-CRICK ?     ? ? 
hydrog17 hydrog ?    ? A DT  8  O4    ? ? ? 1_555 B DA  5  N6 ? ? A DT  8   B DA  17  1_555 ? ? ? ? ? ? WATSON-CRICK ?     ? ? 
hydrog18 hydrog ?    ? A DC  9  N3    ? ? ? 1_555 B DG  4  N1 ? ? A DC  9   B DG  16  1_555 ? ? ? ? ? ? WATSON-CRICK ?     ? ? 
hydrog19 hydrog ?    ? A DC  9  N4    ? ? ? 1_555 B DG  4  O6 ? ? A DC  9   B DG  16  1_555 ? ? ? ? ? ? WATSON-CRICK ?     ? ? 
hydrog20 hydrog ?    ? A DC  9  O2    ? ? ? 1_555 B DG  4  N2 ? ? A DC  9   B DG  16  1_555 ? ? ? ? ? ? WATSON-CRICK ?     ? ? 
hydrog21 hydrog ?    ? A DC  11 N3    ? ? ? 1_555 B DG  2  N1 ? ? A DC  11  B DG  14  1_555 ? ? ? ? ? ? WATSON-CRICK ?     ? ? 
hydrog22 hydrog ?    ? A DC  11 N4    ? ? ? 1_555 B DG  2  O6 ? ? A DC  11  B DG  14  1_555 ? ? ? ? ? ? WATSON-CRICK ?     ? ? 
hydrog23 hydrog ?    ? A DC  11 O2    ? ? ? 1_555 B DG  2  N2 ? ? A DC  11  B DG  14  1_555 ? ? ? ? ? ? WATSON-CRICK ?     ? ? 
hydrog24 hydrog ?    ? A DG  12 N1    ? ? ? 1_555 B DC  1  N3 ? ? A DG  12  B DC  13  1_555 ? ? ? ? ? ? WATSON-CRICK ?     ? ? 
hydrog25 hydrog ?    ? A DG  12 N2    ? ? ? 1_555 B DC  1  O2 ? ? A DG  12  B DC  13  1_555 ? ? ? ? ? ? WATSON-CRICK ?     ? ? 
hydrog26 hydrog ?    ? A DG  12 O6    ? ? ? 1_555 B DC  1  N4 ? ? A DG  12  B DC  13  1_555 ? ? ? ? ? ? WATSON-CRICK ?     ? ? 
# 
loop_
_struct_conn_type.id 
_struct_conn_type.criteria 
_struct_conn_type.reference 
covale ? ? 
metalc ? ? 
hydrog ? ? 
# 
loop_
_pdbx_struct_conn_angle.id 
_pdbx_struct_conn_angle.ptnr1_label_atom_id 
_pdbx_struct_conn_angle.ptnr1_label_alt_id 
_pdbx_struct_conn_angle.ptnr1_label_asym_id 
_pdbx_struct_conn_angle.ptnr1_label_comp_id 
_pdbx_struct_conn_angle.ptnr1_label_seq_id 
_pdbx_struct_conn_angle.ptnr1_auth_atom_id 
_pdbx_struct_conn_angle.ptnr1_auth_asym_id 
_pdbx_struct_conn_angle.ptnr1_auth_comp_id 
_pdbx_struct_conn_angle.ptnr1_auth_seq_id 
_pdbx_struct_conn_angle.ptnr1_PDB_ins_code 
_pdbx_struct_conn_angle.ptnr1_symmetry 
_pdbx_struct_conn_angle.ptnr2_label_atom_id 
_pdbx_struct_conn_angle.ptnr2_label_alt_id 
_pdbx_struct_conn_angle.ptnr2_label_asym_id 
_pdbx_struct_conn_angle.ptnr2_label_comp_id 
_pdbx_struct_conn_angle.ptnr2_label_seq_id 
_pdbx_struct_conn_angle.ptnr2_auth_atom_id 
_pdbx_struct_conn_angle.ptnr2_auth_asym_id 
_pdbx_struct_conn_angle.ptnr2_auth_comp_id 
_pdbx_struct_conn_angle.ptnr2_auth_seq_id 
_pdbx_struct_conn_angle.ptnr2_PDB_ins_code 
_pdbx_struct_conn_angle.ptnr2_symmetry 
_pdbx_struct_conn_angle.ptnr3_label_atom_id 
_pdbx_struct_conn_angle.ptnr3_label_alt_id 
_pdbx_struct_conn_angle.ptnr3_label_asym_id 
_pdbx_struct_conn_angle.ptnr3_label_comp_id 
_pdbx_struct_conn_angle.ptnr3_label_seq_id 
_pdbx_struct_conn_angle.ptnr3_auth_atom_id 
_pdbx_struct_conn_angle.ptnr3_auth_asym_id 
_pdbx_struct_conn_angle.ptnr3_auth_comp_id 
_pdbx_struct_conn_angle.ptnr3_auth_seq_id 
_pdbx_struct_conn_angle.ptnr3_PDB_ins_code 
_pdbx_struct_conn_angle.ptnr3_symmetry 
_pdbx_struct_conn_angle.value 
_pdbx_struct_conn_angle.value_esd 
1  O ? D HOH . ? A HOH 201 ? 1_555 MG ? C MG . ? A MG 101 ? 1_555 O ? D HOH . ? A HOH 212 ? 1_555 88.5  ? 
2  O ? D HOH . ? A HOH 201 ? 1_555 MG ? C MG . ? A MG 101 ? 1_555 O ? D HOH . ? A HOH 213 ? 1_555 96.1  ? 
3  O ? D HOH . ? A HOH 212 ? 1_555 MG ? C MG . ? A MG 101 ? 1_555 O ? D HOH . ? A HOH 213 ? 1_555 84.8  ? 
4  O ? D HOH . ? A HOH 201 ? 1_555 MG ? C MG . ? A MG 101 ? 1_555 O ? E HOH . ? B HOH 101 ? 1_555 85.1  ? 
5  O ? D HOH . ? A HOH 212 ? 1_555 MG ? C MG . ? A MG 101 ? 1_555 O ? E HOH . ? B HOH 101 ? 1_555 91.0  ? 
6  O ? D HOH . ? A HOH 213 ? 1_555 MG ? C MG . ? A MG 101 ? 1_555 O ? E HOH . ? B HOH 101 ? 1_555 175.6 ? 
7  O ? D HOH . ? A HOH 201 ? 1_555 MG ? C MG . ? A MG 101 ? 1_555 O ? E HOH . ? B HOH 102 ? 1_555 170.9 ? 
8  O ? D HOH . ? A HOH 212 ? 1_555 MG ? C MG . ? A MG 101 ? 1_555 O ? E HOH . ? B HOH 102 ? 1_555 87.0  ? 
9  O ? D HOH . ? A HOH 213 ? 1_555 MG ? C MG . ? A MG 101 ? 1_555 O ? E HOH . ? B HOH 102 ? 1_555 91.3  ? 
10 O ? E HOH . ? B HOH 101 ? 1_555 MG ? C MG . ? A MG 101 ? 1_555 O ? E HOH . ? B HOH 102 ? 1_555 87.2  ? 
11 O ? D HOH . ? A HOH 201 ? 1_555 MG ? C MG . ? A MG 101 ? 1_555 O ? E HOH . ? B HOH 115 ? 1_555 94.4  ? 
12 O ? D HOH . ? A HOH 212 ? 1_555 MG ? C MG . ? A MG 101 ? 1_555 O ? E HOH . ? B HOH 115 ? 1_555 175.5 ? 
13 O ? D HOH . ? A HOH 213 ? 1_555 MG ? C MG . ? A MG 101 ? 1_555 O ? E HOH . ? B HOH 115 ? 1_555 91.5  ? 
14 O ? E HOH . ? B HOH 101 ? 1_555 MG ? C MG . ? A MG 101 ? 1_555 O ? E HOH . ? B HOH 115 ? 1_555 92.6  ? 
15 O ? E HOH . ? B HOH 102 ? 1_555 MG ? C MG . ? A MG 101 ? 1_555 O ? E HOH . ? B HOH 115 ? 1_555 90.6  ? 
# 
_struct_site.id                   AC1 
_struct_site.pdbx_evidence_code   Software 
_struct_site.pdbx_auth_asym_id    A 
_struct_site.pdbx_auth_comp_id    MG 
_struct_site.pdbx_auth_seq_id     101 
_struct_site.pdbx_auth_ins_code   ? 
_struct_site.pdbx_num_residues    6 
_struct_site.details              'BINDING SITE FOR RESIDUE MG A 101' 
# 
loop_
_struct_site_gen.id 
_struct_site_gen.site_id 
_struct_site_gen.pdbx_num_res 
_struct_site_gen.label_comp_id 
_struct_site_gen.label_asym_id 
_struct_site_gen.label_seq_id 
_struct_site_gen.pdbx_auth_ins_code 
_struct_site_gen.auth_comp_id 
_struct_site_gen.auth_asym_id 
_struct_site_gen.auth_seq_id 
_struct_site_gen.label_atom_id 
_struct_site_gen.label_alt_id 
_struct_site_gen.symmetry 
_struct_site_gen.details 
1 AC1 6 HOH D . ? HOH A 201 . ? 1_555 ? 
2 AC1 6 HOH D . ? HOH A 212 . ? 1_555 ? 
3 AC1 6 HOH D . ? HOH A 213 . ? 1_555 ? 
4 AC1 6 HOH E . ? HOH B 101 . ? 1_555 ? 
5 AC1 6 HOH E . ? HOH B 102 . ? 1_555 ? 
6 AC1 6 HOH E . ? HOH B 115 . ? 1_555 ? 
# 
_pdbx_validate_close_contact.id               1 
_pdbx_validate_close_contact.PDB_model_num    1 
_pdbx_validate_close_contact.auth_atom_id_1   OP1 
_pdbx_validate_close_contact.auth_asym_id_1   A 
_pdbx_validate_close_contact.auth_comp_id_1   DA 
_pdbx_validate_close_contact.auth_seq_id_1    5 
_pdbx_validate_close_contact.PDB_ins_code_1   ? 
_pdbx_validate_close_contact.label_alt_id_1   ? 
_pdbx_validate_close_contact.auth_atom_id_2   O 
_pdbx_validate_close_contact.auth_asym_id_2   A 
_pdbx_validate_close_contact.auth_comp_id_2   HOH 
_pdbx_validate_close_contact.auth_seq_id_2    208 
_pdbx_validate_close_contact.PDB_ins_code_2   ? 
_pdbx_validate_close_contact.label_alt_id_2   ? 
_pdbx_validate_close_contact.dist             2.15 
# 
_pdbx_validate_rmsd_bond.id                        1 
_pdbx_validate_rmsd_bond.PDB_model_num             1 
_pdbx_validate_rmsd_bond.auth_atom_id_1            "O3'" 
_pdbx_validate_rmsd_bond.auth_asym_id_1            B 
_pdbx_validate_rmsd_bond.auth_comp_id_1            DC 
_pdbx_validate_rmsd_bond.auth_seq_id_1             13 
_pdbx_validate_rmsd_bond.PDB_ins_code_1            ? 
_pdbx_validate_rmsd_bond.label_alt_id_1            ? 
_pdbx_validate_rmsd_bond.auth_atom_id_2            "C3'" 
_pdbx_validate_rmsd_bond.auth_asym_id_2            B 
_pdbx_validate_rmsd_bond.auth_comp_id_2            DC 
_pdbx_validate_rmsd_bond.auth_seq_id_2             13 
_pdbx_validate_rmsd_bond.PDB_ins_code_2            ? 
_pdbx_validate_rmsd_bond.label_alt_id_2            ? 
_pdbx_validate_rmsd_bond.bond_value                1.381 
_pdbx_validate_rmsd_bond.bond_target_value         1.419 
_pdbx_validate_rmsd_bond.bond_deviation            -0.038 
_pdbx_validate_rmsd_bond.bond_standard_deviation   0.006 
_pdbx_validate_rmsd_bond.linker_flag               N 
# 
loop_
_pdbx_validate_rmsd_angle.id 
_pdbx_validate_rmsd_angle.PDB_model_num 
_pdbx_validate_rmsd_angle.auth_atom_id_1 
_pdbx_validate_rmsd_angle.auth_asym_id_1 
_pdbx_validate_rmsd_angle.auth_comp_id_1 
_pdbx_validate_rmsd_angle.auth_seq_id_1 
_pdbx_validate_rmsd_angle.PDB_ins_code_1 
_pdbx_validate_rmsd_angle.label_alt_id_1 
_pdbx_validate_rmsd_angle.auth_atom_id_2 
_pdbx_validate_rmsd_angle.auth_asym_id_2 
_pdbx_validate_rmsd_angle.auth_comp_id_2 
_pdbx_validate_rmsd_angle.auth_seq_id_2 
_pdbx_validate_rmsd_angle.PDB_ins_code_2 
_pdbx_validate_rmsd_angle.label_alt_id_2 
_pdbx_validate_rmsd_angle.auth_atom_id_3 
_pdbx_validate_rmsd_angle.auth_asym_id_3 
_pdbx_validate_rmsd_angle.auth_comp_id_3 
_pdbx_validate_rmsd_angle.auth_seq_id_3 
_pdbx_validate_rmsd_angle.PDB_ins_code_3 
_pdbx_validate_rmsd_angle.label_alt_id_3 
_pdbx_validate_rmsd_angle.angle_value 
_pdbx_validate_rmsd_angle.angle_target_value 
_pdbx_validate_rmsd_angle.angle_deviation 
_pdbx_validate_rmsd_angle.angle_standard_deviation 
_pdbx_validate_rmsd_angle.linker_flag 
1 1 "O4'" A DC 9  ? ? "C1'" A DC 9  ? ? N1 A DC 9  ? ? 100.57 108.00 -7.43 0.70 N 
2 1 "O4'" A DG 10 ? ? "C1'" A DG 10 ? ? N9 A DG 10 ? ? 111.22 108.30 2.92  0.30 N 
3 1 "O4'" A DC 11 ? ? "C1'" A DC 11 ? ? N1 A DC 11 ? ? 103.38 108.00 -4.62 0.70 N 
4 1 "O4'" B DT 19 ? ? "C1'" B DT 19 ? ? N1 B DT 19 ? ? 103.76 108.00 -4.24 0.70 N 
5 1 "O4'" B DC 21 ? ? "C1'" B DC 21 ? ? N1 B DC 21 ? ? 102.42 108.00 -5.58 0.70 N 
# 
loop_
_chem_comp_atom.comp_id 
_chem_comp_atom.atom_id 
_chem_comp_atom.type_symbol 
_chem_comp_atom.pdbx_aromatic_flag 
_chem_comp_atom.pdbx_stereo_config 
_chem_comp_atom.pdbx_ordinal 
2GF P      P  N N 1   
2GF OP1    O  N N 2   
2GF OP2    O  N N 3   
2GF "O5'"  O  N N 4   
2GF "C5'"  C  N N 5   
2GF "C4'"  C  N R 6   
2GF "O4'"  O  N N 7   
2GF "C3'"  C  N N 8   
2GF "O3'"  O  N N 9   
2GF "C2'"  C  N N 10  
2GF "C1'"  C  N R 11  
2GF N1     N  N N 12  
2GF C2     C  N N 13  
2GF O2     O  N N 14  
2GF N3     N  N N 15  
2GF C4     C  N N 16  
2GF N4     N  N N 17  
2GF C5     C  N N 18  
2GF C6     C  N N 19  
2GF CL     CL N N 20  
2GF H1     H  N N 21  
2GF "H5'1" H  N N 22  
2GF "H5'2" H  N N 23  
2GF "H4'"  H  N N 24  
2GF "H2'2" H  N N 25  
2GF "H2'"  H  N N 26  
2GF "H1'"  H  N N 27  
2GF H42    H  N N 28  
2GF H41    H  N N 29  
2GF H6     H  N N 30  
2GF OP3    O  N N 31  
2GF H4     H  N N 32  
DA  OP3    O  N N 33  
DA  P      P  N N 34  
DA  OP1    O  N N 35  
DA  OP2    O  N N 36  
DA  "O5'"  O  N N 37  
DA  "C5'"  C  N N 38  
DA  "C4'"  C  N R 39  
DA  "O4'"  O  N N 40  
DA  "C3'"  C  N S 41  
DA  "O3'"  O  N N 42  
DA  "C2'"  C  N N 43  
DA  "C1'"  C  N R 44  
DA  N9     N  Y N 45  
DA  C8     C  Y N 46  
DA  N7     N  Y N 47  
DA  C5     C  Y N 48  
DA  C6     C  Y N 49  
DA  N6     N  N N 50  
DA  N1     N  Y N 51  
DA  C2     C  Y N 52  
DA  N3     N  Y N 53  
DA  C4     C  Y N 54  
DA  HOP3   H  N N 55  
DA  HOP2   H  N N 56  
DA  "H5'"  H  N N 57  
DA  "H5''" H  N N 58  
DA  "H4'"  H  N N 59  
DA  "H3'"  H  N N 60  
DA  "HO3'" H  N N 61  
DA  "H2'"  H  N N 62  
DA  "H2''" H  N N 63  
DA  "H1'"  H  N N 64  
DA  H8     H  N N 65  
DA  H61    H  N N 66  
DA  H62    H  N N 67  
DA  H2     H  N N 68  
DC  OP3    O  N N 69  
DC  P      P  N N 70  
DC  OP1    O  N N 71  
DC  OP2    O  N N 72  
DC  "O5'"  O  N N 73  
DC  "C5'"  C  N N 74  
DC  "C4'"  C  N R 75  
DC  "O4'"  O  N N 76  
DC  "C3'"  C  N S 77  
DC  "O3'"  O  N N 78  
DC  "C2'"  C  N N 79  
DC  "C1'"  C  N R 80  
DC  N1     N  N N 81  
DC  C2     C  N N 82  
DC  O2     O  N N 83  
DC  N3     N  N N 84  
DC  C4     C  N N 85  
DC  N4     N  N N 86  
DC  C5     C  N N 87  
DC  C6     C  N N 88  
DC  HOP3   H  N N 89  
DC  HOP2   H  N N 90  
DC  "H5'"  H  N N 91  
DC  "H5''" H  N N 92  
DC  "H4'"  H  N N 93  
DC  "H3'"  H  N N 94  
DC  "HO3'" H  N N 95  
DC  "H2'"  H  N N 96  
DC  "H2''" H  N N 97  
DC  "H1'"  H  N N 98  
DC  H41    H  N N 99  
DC  H42    H  N N 100 
DC  H5     H  N N 101 
DC  H6     H  N N 102 
DG  OP3    O  N N 103 
DG  P      P  N N 104 
DG  OP1    O  N N 105 
DG  OP2    O  N N 106 
DG  "O5'"  O  N N 107 
DG  "C5'"  C  N N 108 
DG  "C4'"  C  N R 109 
DG  "O4'"  O  N N 110 
DG  "C3'"  C  N S 111 
DG  "O3'"  O  N N 112 
DG  "C2'"  C  N N 113 
DG  "C1'"  C  N R 114 
DG  N9     N  Y N 115 
DG  C8     C  Y N 116 
DG  N7     N  Y N 117 
DG  C5     C  Y N 118 
DG  C6     C  N N 119 
DG  O6     O  N N 120 
DG  N1     N  N N 121 
DG  C2     C  N N 122 
DG  N2     N  N N 123 
DG  N3     N  N N 124 
DG  C4     C  Y N 125 
DG  HOP3   H  N N 126 
DG  HOP2   H  N N 127 
DG  "H5'"  H  N N 128 
DG  "H5''" H  N N 129 
DG  "H4'"  H  N N 130 
DG  "H3'"  H  N N 131 
DG  "HO3'" H  N N 132 
DG  "H2'"  H  N N 133 
DG  "H2''" H  N N 134 
DG  "H1'"  H  N N 135 
DG  H8     H  N N 136 
DG  H1     H  N N 137 
DG  H21    H  N N 138 
DG  H22    H  N N 139 
DT  OP3    O  N N 140 
DT  P      P  N N 141 
DT  OP1    O  N N 142 
DT  OP2    O  N N 143 
DT  "O5'"  O  N N 144 
DT  "C5'"  C  N N 145 
DT  "C4'"  C  N R 146 
DT  "O4'"  O  N N 147 
DT  "C3'"  C  N S 148 
DT  "O3'"  O  N N 149 
DT  "C2'"  C  N N 150 
DT  "C1'"  C  N R 151 
DT  N1     N  N N 152 
DT  C2     C  N N 153 
DT  O2     O  N N 154 
DT  N3     N  N N 155 
DT  C4     C  N N 156 
DT  O4     O  N N 157 
DT  C5     C  N N 158 
DT  C7     C  N N 159 
DT  C6     C  N N 160 
DT  HOP3   H  N N 161 
DT  HOP2   H  N N 162 
DT  "H5'"  H  N N 163 
DT  "H5''" H  N N 164 
DT  "H4'"  H  N N 165 
DT  "H3'"  H  N N 166 
DT  "HO3'" H  N N 167 
DT  "H2'"  H  N N 168 
DT  "H2''" H  N N 169 
DT  "H1'"  H  N N 170 
DT  H3     H  N N 171 
DT  H71    H  N N 172 
DT  H72    H  N N 173 
DT  H73    H  N N 174 
DT  H6     H  N N 175 
HOH O      O  N N 176 
HOH H1     H  N N 177 
HOH H2     H  N N 178 
MG  MG     MG N N 179 
# 
loop_
_chem_comp_bond.comp_id 
_chem_comp_bond.atom_id_1 
_chem_comp_bond.atom_id_2 
_chem_comp_bond.value_order 
_chem_comp_bond.pdbx_aromatic_flag 
_chem_comp_bond.pdbx_stereo_config 
_chem_comp_bond.pdbx_ordinal 
2GF O2    C2     doub N N 1   
2GF "O4'" "C4'"  sing N N 2   
2GF "O4'" "C1'"  sing N N 3   
2GF "C4'" "C5'"  sing N N 4   
2GF "C4'" "C3'"  sing N N 5   
2GF "C5'" "O5'"  sing N N 6   
2GF C2    N3     sing N N 7   
2GF C2    N1     sing N N 8   
2GF "C1'" N1     sing N N 9   
2GF "C1'" "C2'"  sing N N 10  
2GF N3    C4     doub N N 11  
2GF OP1   P      sing N N 12  
2GF N1    C6     sing N N 13  
2GF P     "O5'"  sing N N 14  
2GF P     OP2    doub N N 15  
2GF "C3'" "O3'"  doub N N 16  
2GF "C3'" "C2'"  sing N N 17  
2GF C4    N4     sing N N 18  
2GF C4    C5     sing N N 19  
2GF C6    C5     doub N N 20  
2GF C5    CL     sing N N 21  
2GF OP1   H1     sing N N 22  
2GF "C5'" "H5'1" sing N N 23  
2GF "C5'" "H5'2" sing N N 24  
2GF "C4'" "H4'"  sing N N 25  
2GF "C2'" "H2'2" sing N N 26  
2GF "C2'" "H2'"  sing N N 27  
2GF "C1'" "H1'"  sing N N 28  
2GF N4    H42    sing N N 29  
2GF N4    H41    sing N N 30  
2GF C6    H6     sing N N 31  
2GF P     OP3    sing N N 32  
2GF OP3   H4     sing N N 33  
DA  OP3   P      sing N N 34  
DA  OP3   HOP3   sing N N 35  
DA  P     OP1    doub N N 36  
DA  P     OP2    sing N N 37  
DA  P     "O5'"  sing N N 38  
DA  OP2   HOP2   sing N N 39  
DA  "O5'" "C5'"  sing N N 40  
DA  "C5'" "C4'"  sing N N 41  
DA  "C5'" "H5'"  sing N N 42  
DA  "C5'" "H5''" sing N N 43  
DA  "C4'" "O4'"  sing N N 44  
DA  "C4'" "C3'"  sing N N 45  
DA  "C4'" "H4'"  sing N N 46  
DA  "O4'" "C1'"  sing N N 47  
DA  "C3'" "O3'"  sing N N 48  
DA  "C3'" "C2'"  sing N N 49  
DA  "C3'" "H3'"  sing N N 50  
DA  "O3'" "HO3'" sing N N 51  
DA  "C2'" "C1'"  sing N N 52  
DA  "C2'" "H2'"  sing N N 53  
DA  "C2'" "H2''" sing N N 54  
DA  "C1'" N9     sing N N 55  
DA  "C1'" "H1'"  sing N N 56  
DA  N9    C8     sing Y N 57  
DA  N9    C4     sing Y N 58  
DA  C8    N7     doub Y N 59  
DA  C8    H8     sing N N 60  
DA  N7    C5     sing Y N 61  
DA  C5    C6     sing Y N 62  
DA  C5    C4     doub Y N 63  
DA  C6    N6     sing N N 64  
DA  C6    N1     doub Y N 65  
DA  N6    H61    sing N N 66  
DA  N6    H62    sing N N 67  
DA  N1    C2     sing Y N 68  
DA  C2    N3     doub Y N 69  
DA  C2    H2     sing N N 70  
DA  N3    C4     sing Y N 71  
DC  OP3   P      sing N N 72  
DC  OP3   HOP3   sing N N 73  
DC  P     OP1    doub N N 74  
DC  P     OP2    sing N N 75  
DC  P     "O5'"  sing N N 76  
DC  OP2   HOP2   sing N N 77  
DC  "O5'" "C5'"  sing N N 78  
DC  "C5'" "C4'"  sing N N 79  
DC  "C5'" "H5'"  sing N N 80  
DC  "C5'" "H5''" sing N N 81  
DC  "C4'" "O4'"  sing N N 82  
DC  "C4'" "C3'"  sing N N 83  
DC  "C4'" "H4'"  sing N N 84  
DC  "O4'" "C1'"  sing N N 85  
DC  "C3'" "O3'"  sing N N 86  
DC  "C3'" "C2'"  sing N N 87  
DC  "C3'" "H3'"  sing N N 88  
DC  "O3'" "HO3'" sing N N 89  
DC  "C2'" "C1'"  sing N N 90  
DC  "C2'" "H2'"  sing N N 91  
DC  "C2'" "H2''" sing N N 92  
DC  "C1'" N1     sing N N 93  
DC  "C1'" "H1'"  sing N N 94  
DC  N1    C2     sing N N 95  
DC  N1    C6     sing N N 96  
DC  C2    O2     doub N N 97  
DC  C2    N3     sing N N 98  
DC  N3    C4     doub N N 99  
DC  C4    N4     sing N N 100 
DC  C4    C5     sing N N 101 
DC  N4    H41    sing N N 102 
DC  N4    H42    sing N N 103 
DC  C5    C6     doub N N 104 
DC  C5    H5     sing N N 105 
DC  C6    H6     sing N N 106 
DG  OP3   P      sing N N 107 
DG  OP3   HOP3   sing N N 108 
DG  P     OP1    doub N N 109 
DG  P     OP2    sing N N 110 
DG  P     "O5'"  sing N N 111 
DG  OP2   HOP2   sing N N 112 
DG  "O5'" "C5'"  sing N N 113 
DG  "C5'" "C4'"  sing N N 114 
DG  "C5'" "H5'"  sing N N 115 
DG  "C5'" "H5''" sing N N 116 
DG  "C4'" "O4'"  sing N N 117 
DG  "C4'" "C3'"  sing N N 118 
DG  "C4'" "H4'"  sing N N 119 
DG  "O4'" "C1'"  sing N N 120 
DG  "C3'" "O3'"  sing N N 121 
DG  "C3'" "C2'"  sing N N 122 
DG  "C3'" "H3'"  sing N N 123 
DG  "O3'" "HO3'" sing N N 124 
DG  "C2'" "C1'"  sing N N 125 
DG  "C2'" "H2'"  sing N N 126 
DG  "C2'" "H2''" sing N N 127 
DG  "C1'" N9     sing N N 128 
DG  "C1'" "H1'"  sing N N 129 
DG  N9    C8     sing Y N 130 
DG  N9    C4     sing Y N 131 
DG  C8    N7     doub Y N 132 
DG  C8    H8     sing N N 133 
DG  N7    C5     sing Y N 134 
DG  C5    C6     sing N N 135 
DG  C5    C4     doub Y N 136 
DG  C6    O6     doub N N 137 
DG  C6    N1     sing N N 138 
DG  N1    C2     sing N N 139 
DG  N1    H1     sing N N 140 
DG  C2    N2     sing N N 141 
DG  C2    N3     doub N N 142 
DG  N2    H21    sing N N 143 
DG  N2    H22    sing N N 144 
DG  N3    C4     sing N N 145 
DT  OP3   P      sing N N 146 
DT  OP3   HOP3   sing N N 147 
DT  P     OP1    doub N N 148 
DT  P     OP2    sing N N 149 
DT  P     "O5'"  sing N N 150 
DT  OP2   HOP2   sing N N 151 
DT  "O5'" "C5'"  sing N N 152 
DT  "C5'" "C4'"  sing N N 153 
DT  "C5'" "H5'"  sing N N 154 
DT  "C5'" "H5''" sing N N 155 
DT  "C4'" "O4'"  sing N N 156 
DT  "C4'" "C3'"  sing N N 157 
DT  "C4'" "H4'"  sing N N 158 
DT  "O4'" "C1'"  sing N N 159 
DT  "C3'" "O3'"  sing N N 160 
DT  "C3'" "C2'"  sing N N 161 
DT  "C3'" "H3'"  sing N N 162 
DT  "O3'" "HO3'" sing N N 163 
DT  "C2'" "C1'"  sing N N 164 
DT  "C2'" "H2'"  sing N N 165 
DT  "C2'" "H2''" sing N N 166 
DT  "C1'" N1     sing N N 167 
DT  "C1'" "H1'"  sing N N 168 
DT  N1    C2     sing N N 169 
DT  N1    C6     sing N N 170 
DT  C2    O2     doub N N 171 
DT  C2    N3     sing N N 172 
DT  N3    C4     sing N N 173 
DT  N3    H3     sing N N 174 
DT  C4    O4     doub N N 175 
DT  C4    C5     sing N N 176 
DT  C5    C7     sing N N 177 
DT  C5    C6     doub N N 178 
DT  C7    H71    sing N N 179 
DT  C7    H72    sing N N 180 
DT  C7    H73    sing N N 181 
DT  C6    H6     sing N N 182 
HOH O     H1     sing N N 183 
HOH O     H2     sing N N 184 
# 
loop_
_ndb_struct_conf_na.entry_id 
_ndb_struct_conf_na.feature 
4MGW 'double helix'         
4MGW 'b-form double helix'  
4MGW 'mismatched base pair' 
# 
loop_
_ndb_struct_na_base_pair.model_number 
_ndb_struct_na_base_pair.i_label_asym_id 
_ndb_struct_na_base_pair.i_label_comp_id 
_ndb_struct_na_base_pair.i_label_seq_id 
_ndb_struct_na_base_pair.i_symmetry 
_ndb_struct_na_base_pair.j_label_asym_id 
_ndb_struct_na_base_pair.j_label_comp_id 
_ndb_struct_na_base_pair.j_label_seq_id 
_ndb_struct_na_base_pair.j_symmetry 
_ndb_struct_na_base_pair.shear 
_ndb_struct_na_base_pair.stretch 
_ndb_struct_na_base_pair.stagger 
_ndb_struct_na_base_pair.buckle 
_ndb_struct_na_base_pair.propeller 
_ndb_struct_na_base_pair.opening 
_ndb_struct_na_base_pair.pair_number 
_ndb_struct_na_base_pair.pair_name 
_ndb_struct_na_base_pair.i_auth_asym_id 
_ndb_struct_na_base_pair.i_auth_seq_id 
_ndb_struct_na_base_pair.i_PDB_ins_code 
_ndb_struct_na_base_pair.j_auth_asym_id 
_ndb_struct_na_base_pair.j_auth_seq_id 
_ndb_struct_na_base_pair.j_PDB_ins_code 
_ndb_struct_na_base_pair.hbond_type_28 
_ndb_struct_na_base_pair.hbond_type_12 
1 A DC 1  1_555 B DG 12 1_555 0.358  -0.128 0.196  5.256   -16.147 -0.707 1  A_DC1:DG24_B  A 1  ? B 24 ? 19 1 
1 A DG 2  1_555 B DC 11 1_555 -0.283 -0.193 0.504  6.053   -11.747 -3.634 2  A_DG2:DC23_B  A 2  ? B 23 ? 19 1 
1 A DG 4  1_555 B DC 9  1_555 -0.262 -0.001 -0.051 9.386   -9.299  0.128  3  A_DG4:DC21_B  A 4  ? B 21 ? 19 1 
1 A DA 5  1_555 B DT 8  1_555 -0.039 -0.023 -0.070 8.738   -19.341 2.895  4  A_DA5:DT20_B  A 5  ? B 20 ? 20 1 
1 A DA 6  1_555 B DT 7  1_555 0.081  -0.019 0.122  1.730   -15.356 2.564  5  A_DA6:DT19_B  A 6  ? B 19 ? 20 1 
1 A DT 7  1_555 B DA 6  1_555 0.205  -0.135 0.191  -1.983  -16.424 1.444  6  A_DT7:DA18_B  A 7  ? B 18 ? 20 1 
1 A DT 8  1_555 B DA 5  1_555 -0.242 -0.047 -0.085 1.063   -14.791 -1.249 7  A_DT8:DA17_B  A 8  ? B 17 ? 20 1 
1 A DC 9  1_555 B DG 4  1_555 0.334  -0.049 0.014  -12.307 -9.021  -0.035 8  A_DC9:DG16_B  A 9  ? B 16 ? 19 1 
1 A DC 11 1_555 B DG 2  1_555 0.039  -0.262 0.462  5.519   -20.145 -3.154 9  A_DC11:DG14_B A 11 ? B 14 ? 19 1 
1 A DG 12 1_555 B DC 1  1_555 -0.688 -0.243 -0.170 11.697  27.239  -2.334 10 A_DG12:DC13_B A 12 ? B 13 ? 19 1 
# 
loop_
_ndb_struct_na_base_pair_step.model_number 
_ndb_struct_na_base_pair_step.i_label_asym_id_1 
_ndb_struct_na_base_pair_step.i_label_comp_id_1 
_ndb_struct_na_base_pair_step.i_label_seq_id_1 
_ndb_struct_na_base_pair_step.i_symmetry_1 
_ndb_struct_na_base_pair_step.j_label_asym_id_1 
_ndb_struct_na_base_pair_step.j_label_comp_id_1 
_ndb_struct_na_base_pair_step.j_label_seq_id_1 
_ndb_struct_na_base_pair_step.j_symmetry_1 
_ndb_struct_na_base_pair_step.i_label_asym_id_2 
_ndb_struct_na_base_pair_step.i_label_comp_id_2 
_ndb_struct_na_base_pair_step.i_label_seq_id_2 
_ndb_struct_na_base_pair_step.i_symmetry_2 
_ndb_struct_na_base_pair_step.j_label_asym_id_2 
_ndb_struct_na_base_pair_step.j_label_comp_id_2 
_ndb_struct_na_base_pair_step.j_label_seq_id_2 
_ndb_struct_na_base_pair_step.j_symmetry_2 
_ndb_struct_na_base_pair_step.shift 
_ndb_struct_na_base_pair_step.slide 
_ndb_struct_na_base_pair_step.rise 
_ndb_struct_na_base_pair_step.tilt 
_ndb_struct_na_base_pair_step.roll 
_ndb_struct_na_base_pair_step.twist 
_ndb_struct_na_base_pair_step.x_displacement 
_ndb_struct_na_base_pair_step.y_displacement 
_ndb_struct_na_base_pair_step.helical_rise 
_ndb_struct_na_base_pair_step.inclination 
_ndb_struct_na_base_pair_step.tip 
_ndb_struct_na_base_pair_step.helical_twist 
_ndb_struct_na_base_pair_step.step_number 
_ndb_struct_na_base_pair_step.step_name 
_ndb_struct_na_base_pair_step.i_auth_asym_id_1 
_ndb_struct_na_base_pair_step.i_auth_seq_id_1 
_ndb_struct_na_base_pair_step.i_PDB_ins_code_1 
_ndb_struct_na_base_pair_step.j_auth_asym_id_1 
_ndb_struct_na_base_pair_step.j_auth_seq_id_1 
_ndb_struct_na_base_pair_step.j_PDB_ins_code_1 
_ndb_struct_na_base_pair_step.i_auth_asym_id_2 
_ndb_struct_na_base_pair_step.i_auth_seq_id_2 
_ndb_struct_na_base_pair_step.i_PDB_ins_code_2 
_ndb_struct_na_base_pair_step.j_auth_asym_id_2 
_ndb_struct_na_base_pair_step.j_auth_seq_id_2 
_ndb_struct_na_base_pair_step.j_PDB_ins_code_2 
1 A DC 1  1_555 B DG 12 1_555 A DG 2  1_555 B DC 11 1_555 -0.363 -0.036 3.271 -2.896 3.053   32.831 -0.580 0.146  3.273 5.374   
5.098  33.092 1 AA_DC1DG2:DC23DG24_BB   A 1  ? B 24 ? A 2  ? B 23 ? 
1 A DG 2  1_555 B DC 11 1_555 A DG 4  1_555 B DC 9  1_555 -0.198 0.637  6.723 1.302  5.495   67.658 0.140  0.279  6.747 4.926   
-1.167 67.865 2 AA_DG2DG4:DC21DC23_BB   A 2  ? B 23 ? A 4  ? B 21 ? 
1 A DG 4  1_555 B DC 9  1_555 A DA 5  1_555 B DT 8  1_555 -0.077 0.111  3.250 -0.263 2.592   38.521 -0.150 0.084  3.251 3.924   
0.399  38.606 3 AA_DG4DA5:DT20DC21_BB   A 4  ? B 21 ? A 5  ? B 20 ? 
1 A DA 5  1_555 B DT 8  1_555 A DA 6  1_555 B DT 7  1_555 0.066  -0.418 3.332 -2.220 1.783   36.431 -0.917 -0.416 3.299 2.847   
3.545  36.538 4 AA_DA5DA6:DT19DT20_BB   A 5  ? B 20 ? A 6  ? B 19 ? 
1 A DA 6  1_555 B DT 7  1_555 A DT 7  1_555 B DA 6  1_555 -0.098 -0.639 3.253 -0.033 -1.012  33.841 -0.936 0.163  3.271 -1.738  
0.056  33.855 5 AA_DA6DT7:DA18DT19_BB   A 6  ? B 19 ? A 7  ? B 18 ? 
1 A DT 7  1_555 B DA 6  1_555 A DT 8  1_555 B DA 5  1_555 -0.132 -0.387 3.139 2.941  -3.711  32.580 -0.073 0.718  3.139 -6.571  
-5.208 32.913 6 AA_DT7DT8:DA17DA18_BB   A 7  ? B 18 ? A 8  ? B 17 ? 
1 A DT 8  1_555 B DA 5  1_555 A DC 9  1_555 B DG 4  1_555 0.068  -0.183 3.538 1.676  0.011   45.055 -0.240 0.074  3.538 0.014   
-2.187 45.085 7 AA_DT8DC9:DG16DA17_BB   A 8  ? B 17 ? A 9  ? B 16 ? 
1 A DC 9  1_555 B DG 4  1_555 A DC 11 1_555 B DG 2  1_555 -0.133 0.693  6.434 -5.012 -6.523  68.564 1.081  -0.243 6.349 -5.769  
4.433  68.996 8 AA_DC9DC11:DG14DG16_BB  A 9  ? B 16 ? A 11 ? B 14 ? 
1 A DC 11 1_555 B DG 2  1_555 A DG 12 1_555 B DC 1  1_555 1.273  0.315  3.513 5.245  -15.586 30.973 3.084  -1.256 3.171 -26.937 
-9.064 34.973 9 AA_DC11DG12:DC13DG14_BB A 11 ? B 14 ? A 12 ? B 13 ? 
# 
_atom_sites.entry_id                    4MGW 
_atom_sites.fract_transf_matrix[1][1]   -0.00913277 
_atom_sites.fract_transf_matrix[1][2]   0.03954882 
_atom_sites.fract_transf_matrix[1][3]   -0.00104271 
_atom_sites.fract_transf_matrix[2][1]   -0.02433103 
_atom_sites.fract_transf_matrix[2][2]   -0.00556196 
_atom_sites.fract_transf_matrix[2][3]   0.00214906 
_atom_sites.fract_transf_matrix[3][1]   0.00119115 
_atom_sites.fract_transf_matrix[3][2]   0.00067681 
_atom_sites.fract_transf_matrix[3][3]   0.01523754 
_atom_sites.fract_transf_vector[1]      0.411050 
_atom_sites.fract_transf_vector[2]      0.021191 
_atom_sites.fract_transf_vector[3]      0.365304 
# 
loop_
_atom_type.symbol 
C  
CL 
H  
MG 
N  
O  
P  
# 
loop_
_atom_site.group_PDB 
_atom_site.id 
_atom_site.type_symbol 
_atom_site.label_atom_id 
_atom_site.label_alt_id 
_atom_site.label_comp_id 
_atom_site.label_asym_id 
_atom_site.label_entity_id 
_atom_site.label_seq_id 
_atom_site.pdbx_PDB_ins_code 
_atom_site.Cartn_x 
_atom_site.Cartn_y 
_atom_site.Cartn_z 
_atom_site.occupancy 
_atom_site.B_iso_or_equiv 
_atom_site.pdbx_formal_charge 
_atom_site.auth_seq_id 
_atom_site.auth_comp_id 
_atom_site.auth_asym_id 
_atom_site.auth_atom_id 
_atom_site.pdbx_PDB_model_num 
ATOM   1   O  "O5'"  . DC  A 1 1  ? -13.081 -9.091  -13.319 1.00 43.73 ? 1   DC  A "O5'"  1 
ATOM   2   C  "C5'"  . DC  A 1 1  ? -12.224 -8.049  -13.797 1.00 41.22 ? 1   DC  A "C5'"  1 
ATOM   3   C  "C4'"  . DC  A 1 1  ? -10.840 -8.642  -13.938 1.00 37.57 ? 1   DC  A "C4'"  1 
ATOM   4   O  "O4'"  . DC  A 1 1  ? -9.967  -7.725  -14.622 1.00 38.36 ? 1   DC  A "O4'"  1 
ATOM   5   C  "C3'"  . DC  A 1 1  ? -10.197 -8.912  -12.595 1.00 39.50 ? 1   DC  A "C3'"  1 
ATOM   6   O  "O3'"  . DC  A 1 1  ? -9.335  -10.042 -12.641 1.00 45.71 ? 1   DC  A "O3'"  1 
ATOM   7   C  "C2'"  . DC  A 1 1  ? -9.460  -7.594  -12.374 1.00 42.81 ? 1   DC  A "C2'"  1 
ATOM   8   C  "C1'"  . DC  A 1 1  ? -8.922  -7.336  -13.770 1.00 35.45 ? 1   DC  A "C1'"  1 
ATOM   9   N  N1     . DC  A 1 1  ? -8.635  -5.954  -14.158 1.00 31.06 ? 1   DC  A N1     1 
ATOM   10  C  C2     . DC  A 1 1  ? -7.515  -5.739  -14.949 1.00 37.77 ? 1   DC  A C2     1 
ATOM   11  O  O2     . DC  A 1 1  ? -6.811  -6.720  -15.253 1.00 36.61 ? 1   DC  A O2     1 
ATOM   12  N  N3     . DC  A 1 1  ? -7.247  -4.481  -15.347 1.00 34.12 ? 1   DC  A N3     1 
ATOM   13  C  C4     . DC  A 1 1  ? -8.043  -3.476  -14.991 1.00 35.28 ? 1   DC  A C4     1 
ATOM   14  N  N4     . DC  A 1 1  ? -7.703  -2.253  -15.403 1.00 31.57 ? 1   DC  A N4     1 
ATOM   15  C  C5     . DC  A 1 1  ? -9.201  -3.676  -14.189 1.00 32.40 ? 1   DC  A C5     1 
ATOM   16  C  C6     . DC  A 1 1  ? -9.455  -4.928  -13.803 1.00 37.67 ? 1   DC  A C6     1 
ATOM   17  H  "H5'"  . DC  A 1 1  ? -12.206 -7.310  -13.154 1.00 49.46 ? 1   DC  A "H5'"  1 
ATOM   18  H  "H5''" . DC  A 1 1  ? -12.542 -7.729  -14.667 1.00 49.46 ? 1   DC  A "H5''" 1 
ATOM   19  H  "H4'"  . DC  A 1 1  ? -10.894 -9.478  -14.447 1.00 45.09 ? 1   DC  A "H4'"  1 
ATOM   20  H  "H3'"  . DC  A 1 1  ? -10.885 -9.034  -11.908 1.00 47.40 ? 1   DC  A "H3'"  1 
ATOM   21  H  "H2'"  . DC  A 1 1  ? -10.079 -6.886  -12.098 1.00 51.37 ? 1   DC  A "H2'"  1 
ATOM   22  H  "H2''" . DC  A 1 1  ? -8.730  -7.702  -11.729 1.00 51.37 ? 1   DC  A "H2''" 1 
ATOM   23  H  "H1'"  . DC  A 1 1  ? -8.136  -7.897  -13.933 1.00 42.54 ? 1   DC  A "H1'"  1 
ATOM   24  H  H41    . DC  A 1 1  ? -8.260  -1.483  -15.164 1.00 37.89 ? 1   DC  A H41    1 
ATOM   25  H  H42    . DC  A 1 1  ? -6.896  -2.125  -15.944 1.00 37.89 ? 1   DC  A H42    1 
ATOM   26  H  H5     . DC  A 1 1  ? -9.779  -2.930  -13.926 1.00 38.88 ? 1   DC  A H5     1 
ATOM   27  H  H6     . DC  A 1 1  ? -10.245 -5.110  -13.254 1.00 45.20 ? 1   DC  A H6     1 
ATOM   28  H  "HO5'" . DC  A 1 1  ? -14.053 -9.000  -13.397 1.00 52.47 ? 1   DC  A "HO5'" 1 
ATOM   29  P  P      . DG  A 1 2  ? -8.883  -10.740 -11.269 1.00 49.09 ? 2   DG  A P      1 
ATOM   30  O  OP1    . DG  A 1 2  ? -9.308  -12.150 -11.357 1.00 54.92 ? 2   DG  A OP1    1 
ATOM   31  O  OP2    . DG  A 1 2  ? -9.311  -9.873  -10.146 1.00 40.70 ? 2   DG  A OP2    1 
ATOM   32  O  "O5'"  . DG  A 1 2  ? -7.282  -10.635 -11.299 1.00 46.75 ? 2   DG  A "O5'"  1 
ATOM   33  C  "C5'"  . DG  A 1 2  ? -6.601  -10.880 -12.520 1.00 43.59 ? 2   DG  A "C5'"  1 
ATOM   34  C  "C4'"  . DG  A 1 2  ? -5.136  -10.553 -12.350 1.00 40.50 ? 2   DG  A "C4'"  1 
ATOM   35  O  "O4'"  . DG  A 1 2  ? -4.871  -9.193  -12.761 1.00 34.16 ? 2   DG  A "O4'"  1 
ATOM   36  C  "C3'"  . DG  A 1 2  ? -4.649  -10.662 -10.912 1.00 37.36 ? 2   DG  A "C3'"  1 
ATOM   37  O  "O3'"  . DG  A 1 2  ? -3.327  -11.196 -10.912 1.00 42.38 ? 2   DG  A "O3'"  1 
ATOM   38  C  "C2'"  . DG  A 1 2  ? -4.735  -9.218  -10.435 1.00 37.74 ? 2   DG  A "C2'"  1 
ATOM   39  C  "C1'"  . DG  A 1 2  ? -4.323  -8.459  -11.693 1.00 35.01 ? 2   DG  A "C1'"  1 
ATOM   40  N  N9     . DG  A 1 2  ? -4.828  -7.094  -11.793 1.00 34.77 ? 2   DG  A N9     1 
ATOM   41  C  C8     . DG  A 1 2  ? -5.975  -6.554  -11.268 1.00 33.62 ? 2   DG  A C8     1 
ATOM   42  N  N7     . DG  A 1 2  ? -6.148  -5.286  -11.562 1.00 32.57 ? 2   DG  A N7     1 
ATOM   43  C  C5     . DG  A 1 2  ? -5.048  -4.972  -12.334 1.00 27.31 ? 2   DG  A C5     1 
ATOM   44  C  C6     . DG  A 1 2  ? -4.673  -3.748  -12.915 1.00 31.17 ? 2   DG  A C6     1 
ATOM   45  O  O6     . DG  A 1 2  ? -5.275  -2.658  -12.876 1.00 32.50 ? 2   DG  A O6     1 
ATOM   46  N  N1     . DG  A 1 2  ? -3.469  -3.872  -13.593 1.00 29.81 ? 2   DG  A N1     1 
ATOM   47  C  C2     . DG  A 1 2  ? -2.715  -5.009  -13.701 1.00 31.35 ? 2   DG  A C2     1 
ATOM   48  N  N2     . DG  A 1 2  ? -1.590  -4.914  -14.424 1.00 30.63 ? 2   DG  A N2     1 
ATOM   49  N  N3     . DG  A 1 2  ? -3.057  -6.167  -13.146 1.00 30.34 ? 2   DG  A N3     1 
ATOM   50  C  C4     . DG  A 1 2  ? -4.229  -6.066  -12.484 1.00 31.75 ? 2   DG  A C4     1 
ATOM   51  H  "H5'"  . DG  A 1 2  ? -6.983  -10.318 -13.226 1.00 52.31 ? 2   DG  A "H5'"  1 
ATOM   52  H  "H5''" . DG  A 1 2  ? -6.699  -11.824 -12.765 1.00 52.31 ? 2   DG  A "H5''" 1 
ATOM   53  H  "H4'"  . DG  A 1 2  ? -4.609  -11.161 -12.909 1.00 48.60 ? 2   DG  A "H4'"  1 
ATOM   54  H  "H3'"  . DG  A 1 2  ? -5.251  -11.232 -10.390 1.00 44.84 ? 2   DG  A "H3'"  1 
ATOM   55  H  "H2'"  . DG  A 1 2  ? -5.650  -8.989  -10.172 1.00 45.29 ? 2   DG  A "H2'"  1 
ATOM   56  H  "H2''" . DG  A 1 2  ? -4.104  -9.052  -9.704  1.00 45.29 ? 2   DG  A "H2''" 1 
ATOM   57  H  "H1'"  . DG  A 1 2  ? -3.347  -8.453  -11.767 1.00 42.01 ? 2   DG  A "H1'"  1 
ATOM   58  H  H8     . DG  A 1 2  ? -6.613  -7.071  -10.734 1.00 40.34 ? 2   DG  A H8     1 
ATOM   59  H  H1     . DG  A 1 2  ? -3.132  -3.072  -14.047 1.00 35.77 ? 2   DG  A H1     1 
ATOM   60  H  H21    . DG  A 1 2  ? -1.018  -5.700  -14.546 1.00 36.76 ? 2   DG  A H21    1 
ATOM   61  H  H22    . DG  A 1 2  ? -1.341  -4.059  -14.833 1.00 36.76 ? 2   DG  A H22    1 
HETATM 62  P  P      . 2GF A 1 3  ? -2.584  -11.567 -9.532  1.00 39.12 ? 3   2GF A P      1 
HETATM 63  O  OP1    . 2GF A 1 3  ? -2.269  -13.004 -9.681  1.00 42.08 ? 3   2GF A OP1    1 
HETATM 64  O  OP2    . 2GF A 1 3  ? -3.575  -11.497 -8.429  1.00 43.98 ? 3   2GF A OP2    1 
HETATM 65  O  "O5'"  . 2GF A 1 3  ? -1.408  -10.597 -9.491  1.00 35.47 ? 3   2GF A "O5'"  1 
HETATM 66  C  "C5'"  . 2GF A 1 3  ? -0.468  -10.728 -10.457 1.00 30.43 ? 3   2GF A "C5'"  1 
HETATM 67  C  "C4'"  . 2GF A 1 3  ? 0.213   -9.413  -10.780 1.00 31.80 ? 3   2GF A "C4'"  1 
HETATM 68  O  "O4'"  . 2GF A 1 3  ? -0.672  -8.388  -10.912 1.00 30.14 ? 3   2GF A "O4'"  1 
HETATM 69  C  "C3'"  . 2GF A 1 3  ? 1.182   -9.034  -9.751  1.00 35.03 ? 3   2GF A "C3'"  1 
HETATM 70  O  "O3'"  . 2GF A 1 3  ? 2.139   -9.748  -9.516  1.00 38.24 ? 3   2GF A "O3'"  1 
HETATM 71  C  "C2'"  . 2GF A 1 3  ? 0.792   -7.713  -9.222  1.00 37.71 ? 3   2GF A "C2'"  1 
HETATM 72  C  "C1'"  . 2GF A 1 3  ? -0.074  -7.252  -10.369 1.00 31.54 ? 3   2GF A "C1'"  1 
HETATM 73  N  N1     . 2GF A 1 3  ? -1.174  -6.447  -9.978  1.00 28.67 ? 3   2GF A N1     1 
HETATM 74  C  C2     . 2GF A 1 3  ? -1.355  -5.156  -10.474 1.00 29.27 ? 3   2GF A C2     1 
HETATM 75  O  O2     . 2GF A 1 3  ? -0.418  -4.662  -11.345 1.00 32.23 ? 3   2GF A O2     1 
HETATM 76  N  N3     . 2GF A 1 3  ? -2.466  -4.340  -10.096 1.00 32.02 ? 3   2GF A N3     1 
HETATM 77  C  C4     . 2GF A 1 3  ? -3.369  -4.860  -9.224  1.00 31.12 ? 3   2GF A C4     1 
HETATM 78  N  N4     . 2GF A 1 3  ? -4.512  -4.098  -8.829  1.00 31.17 ? 3   2GF A N4     1 
HETATM 79  C  C5     . 2GF A 1 3  ? -3.189  -6.182  -8.715  1.00 35.31 ? 3   2GF A C5     1 
HETATM 80  C  C6     . 2GF A 1 3  ? -2.111  -6.964  -9.082  1.00 30.83 ? 3   2GF A C6     1 
HETATM 81  CL CL     . 2GF A 1 3  ? -4.348  -6.812  -7.582  1.00 50.37 ? 3   2GF A CL     1 
HETATM 82  H  "H5'1" . 2GF A 1 3  ? -0.899  -11.071 -11.273 1.00 36.52 ? 3   2GF A "H5'1" 1 
HETATM 83  H  "H5'2" . 2GF A 1 3  ? 0.199   -11.363 -10.163 1.00 36.52 ? 3   2GF A "H5'2" 1 
HETATM 84  H  "H4'"  . 2GF A 1 3  ? 0.684   -9.514  -11.615 1.00 38.17 ? 3   2GF A "H4'"  1 
HETATM 85  H  "H2'2" . 2GF A 1 3  ? 1.558   -7.149  -9.091  1.00 45.26 ? 3   2GF A "H2'2" 1 
HETATM 86  H  "H2'"  . 2GF A 1 3  ? 0.274   -7.806  -8.381  1.00 45.26 ? 3   2GF A "H2'"  1 
HETATM 87  H  "H1'"  . 2GF A 1 3  ? 0.471   -6.789  -11.049 1.00 37.84 ? 3   2GF A "H1'"  1 
HETATM 88  H  H42    . 2GF A 1 3  ? -4.602  -3.250  -9.102  1.00 37.41 ? 3   2GF A H42    1 
HETATM 89  H  H41    . 2GF A 1 3  ? -5.157  -4.479  -8.291  1.00 37.41 ? 3   2GF A H41    1 
HETATM 90  H  H6     . 2GF A 1 3  ? -2.006  -7.854  -8.721  1.00 37.00 ? 3   2GF A H6     1 
ATOM   91  P  P      . DG  A 1 4  ? 3.213   -9.436  -8.368  1.00 40.99 ? 4   DG  A P      1 
ATOM   92  O  OP1    . DG  A 1 4  ? 4.296   -10.371 -8.703  1.00 46.39 ? 4   DG  A OP1    1 
ATOM   93  O  OP2    . DG  A 1 4  ? 2.587   -9.397  -7.023  1.00 34.84 ? 4   DG  A OP2    1 
ATOM   94  O  "O5'"  . DG  A 1 4  ? 3.724   -7.949  -8.670  1.00 38.19 ? 4   DG  A "O5'"  1 
ATOM   95  C  "C5'"  . DG  A 1 4  ? 4.679   -7.651  -9.660  1.00 36.69 ? 4   DG  A "C5'"  1 
ATOM   96  C  "C4'"  . DG  A 1 4  ? 5.059   -6.186  -9.530  1.00 38.39 ? 4   DG  A "C4'"  1 
ATOM   97  O  "O4'"  . DG  A 1 4  ? 3.867   -5.354  -9.514  1.00 37.17 ? 4   DG  A "O4'"  1 
ATOM   98  C  "C3'"  . DG  A 1 4  ? 5.828   -5.802  -8.268  1.00 38.20 ? 4   DG  A "C3'"  1 
ATOM   99  O  "O3'"  . DG  A 1 4  ? 6.773   -4.838  -8.651  1.00 48.11 ? 4   DG  A "O3'"  1 
ATOM   100 C  "C2'"  . DG  A 1 4  ? 4.790   -5.199  -7.341  1.00 33.75 ? 4   DG  A "C2'"  1 
ATOM   101 C  "C1'"  . DG  A 1 4  ? 3.806   -4.582  -8.331  1.00 36.80 ? 4   DG  A "C1'"  1 
ATOM   102 N  N9     . DG  A 1 4  ? 2.426   -4.545  -7.859  1.00 31.50 ? 4   DG  A N9     1 
ATOM   103 C  C8     . DG  A 1 4  ? 1.732   -5.487  -7.161  1.00 33.54 ? 4   DG  A C8     1 
ATOM   104 N  N7     . DG  A 1 4  ? 0.514   -5.123  -6.875  1.00 34.93 ? 4   DG  A N7     1 
ATOM   105 C  C5     . DG  A 1 4  ? 0.404   -3.871  -7.445  1.00 28.39 ? 4   DG  A C5     1 
ATOM   106 C  C6     . DG  A 1 4  ? -0.676  -2.969  -7.464  1.00 33.34 ? 4   DG  A C6     1 
ATOM   107 O  O6     . DG  A 1 4  ? -1.809  -3.110  -6.999  1.00 35.32 ? 4   DG  A O6     1 
ATOM   108 N  N1     . DG  A 1 4  ? -0.361  -1.803  -8.137  1.00 28.20 ? 4   DG  A N1     1 
ATOM   109 C  C2     . DG  A 1 4  ? 0.842   -1.531  -8.705  1.00 30.16 ? 4   DG  A C2     1 
ATOM   110 N  N2     . DG  A 1 4  ? 0.951   -0.344  -9.315  1.00 30.71 ? 4   DG  A N2     1 
ATOM   111 N  N3     . DG  A 1 4  ? 1.871   -2.353  -8.687  1.00 32.48 ? 4   DG  A N3     1 
ATOM   112 C  C4     . DG  A 1 4  ? 1.569   -3.499  -8.035  1.00 33.02 ? 4   DG  A C4     1 
ATOM   113 H  "H5'"  . DG  A 1 4  ? 4.298   -7.816  -10.548 1.00 44.02 ? 4   DG  A "H5'"  1 
ATOM   114 H  "H5''" . DG  A 1 4  ? 5.474   -8.210  -9.533  1.00 44.02 ? 4   DG  A "H5''" 1 
ATOM   115 H  "H4'"  . DG  A 1 4  ? 5.600   -5.937  -10.309 1.00 46.07 ? 4   DG  A "H4'"  1 
ATOM   116 H  "H3'"  . DG  A 1 4  ? 6.259   -6.583  -7.863  1.00 45.84 ? 4   DG  A "H3'"  1 
ATOM   117 H  "H2'"  . DG  A 1 4  ? 4.356   -5.895  -6.803  1.00 40.50 ? 4   DG  A "H2'"  1 
ATOM   118 H  "H2''" . DG  A 1 4  ? 5.189   -4.510  -6.769  1.00 40.50 ? 4   DG  A "H2''" 1 
ATOM   119 H  "H1'"  . DG  A 1 4  ? 4.094   -3.669  -8.534  1.00 44.16 ? 4   DG  A "H1'"  1 
ATOM   120 H  H8     . DG  A 1 4  ? 2.116   -6.346  -6.885  1.00 40.25 ? 4   DG  A H8     1 
ATOM   121 H  H1     . DG  A 1 4  ? -1.060  -1.120  -8.211  1.00 33.84 ? 4   DG  A H1     1 
ATOM   122 H  H21    . DG  A 1 4  ? 1.794   -0.090  -9.747  1.00 36.85 ? 4   DG  A H21    1 
ATOM   123 H  H22    . DG  A 1 4  ? 0.189   0.270   -9.331  1.00 36.85 ? 4   DG  A H22    1 
ATOM   124 P  P      . DA  A 1 5  ? 7.840   -4.271  -7.598  1.00 47.75 ? 5   DA  A P      1 
ATOM   125 O  OP1    . DA  A 1 5  ? 9.117   -4.390  -8.319  1.00 48.11 ? 5   DA  A OP1    1 
ATOM   126 O  OP2    . DA  A 1 5  ? 7.605   -4.823  -6.236  1.00 41.57 ? 5   DA  A OP2    1 
ATOM   127 O  "O5'"  . DA  A 1 5  ? 7.504   -2.727  -7.501  1.00 41.04 ? 5   DA  A "O5'"  1 
ATOM   128 C  "C5'"  . DA  A 1 5  ? 7.489   -2.011  -8.690  1.00 37.71 ? 5   DA  A "C5'"  1 
ATOM   129 C  "C4'"  . DA  A 1 5  ? 6.856   -0.676  -8.438  1.00 35.81 ? 5   DA  A "C4'"  1 
ATOM   130 O  "O4'"  . DA  A 1 5  ? 5.460   -0.811  -8.038  1.00 35.21 ? 5   DA  A "O4'"  1 
ATOM   131 C  "C3'"  . DA  A 1 5  ? 7.533   0.111   -7.337  1.00 32.79 ? 5   DA  A "C3'"  1 
ATOM   132 O  "O3'"  . DA  A 1 5  ? 7.583   1.403   -7.842  1.00 36.76 ? 5   DA  A "O3'"  1 
ATOM   133 C  "C2'"  . DA  A 1 5  ? 6.579   -0.018  -6.152  1.00 33.99 ? 5   DA  A "C2'"  1 
ATOM   134 C  "C1'"  . DA  A 1 5  ? 5.229   -0.085  -6.855  1.00 31.01 ? 5   DA  A "C1'"  1 
ATOM   135 N  N9     . DA  A 1 5  ? 4.202   -0.838  -6.154  1.00 30.10 ? 5   DA  A N9     1 
ATOM   136 C  C8     . DA  A 1 5  ? 4.351   -2.072  -5.586  1.00 36.32 ? 5   DA  A C8     1 
ATOM   137 N  N7     . DA  A 1 5  ? 3.259   -2.549  -5.031  1.00 31.98 ? 5   DA  A N7     1 
ATOM   138 C  C5     . DA  A 1 5  ? 2.324   -1.563  -5.263  1.00 30.19 ? 5   DA  A C5     1 
ATOM   139 C  C6     . DA  A 1 5  ? 0.968   -1.459  -4.923  1.00 28.43 ? 5   DA  A C6     1 
ATOM   140 N  N6     . DA  A 1 5  ? 0.266   -2.386  -4.253  1.00 32.28 ? 5   DA  A N6     1 
ATOM   141 N  N1     . DA  A 1 5  ? 0.351   -0.344  -5.304  1.00 28.68 ? 5   DA  A N1     1 
ATOM   142 C  C2     . DA  A 1 5  ? 1.021   0.598   -5.981  1.00 33.13 ? 5   DA  A C2     1 
ATOM   143 N  N3     . DA  A 1 5  ? 2.291   0.617   -6.358  1.00 29.16 ? 5   DA  A N3     1 
ATOM   144 C  C4     . DA  A 1 5  ? 2.893   -0.503  -5.960  1.00 31.00 ? 5   DA  A C4     1 
ATOM   145 H  "H5'"  . DA  A 1 5  ? 6.970   -2.500  -9.361  1.00 45.25 ? 5   DA  A "H5'"  1 
ATOM   146 H  "H5''" . DA  A 1 5  ? 8.406   -1.886  -9.010  1.00 45.25 ? 5   DA  A "H5''" 1 
ATOM   147 H  "H4'"  . DA  A 1 5  ? 6.895   -0.152  -9.266  1.00 42.97 ? 5   DA  A "H4'"  1 
ATOM   148 H  "H3'"  . DA  A 1 5  ? 8.426   -0.241  -7.134  1.00 39.35 ? 5   DA  A "H3'"  1 
ATOM   149 H  "H2'"  . DA  A 1 5  ? 6.754   -0.840  -5.649  1.00 40.79 ? 5   DA  A "H2'"  1 
ATOM   150 H  "H2''" . DA  A 1 5  ? 6.634   0.770   -5.572  1.00 40.79 ? 5   DA  A "H2''" 1 
ATOM   151 H  "H1'"  . DA  A 1 5  ? 4.908   0.816   -7.067  1.00 37.21 ? 5   DA  A "H1'"  1 
ATOM   152 H  H8     . DA  A 1 5  ? 5.202   -2.557  -5.586  1.00 43.58 ? 5   DA  A H8     1 
ATOM   153 H  H61    . DA  A 1 5  ? -0.681  -2.234  -4.054  1.00 38.74 ? 5   DA  A H61    1 
ATOM   154 H  H62    . DA  A 1 5  ? 0.701   -3.215  -3.963  1.00 38.74 ? 5   DA  A H62    1 
ATOM   155 H  H2     . DA  A 1 5  ? 0.498   1.388   -6.229  1.00 39.76 ? 5   DA  A H2     1 
ATOM   156 P  P      . DA  A 1 6  ? 8.180   2.594   -6.967  1.00 35.17 ? 6   DA  A P      1 
ATOM   157 O  OP1    . DA  A 1 6  ? 8.660   3.549   -7.986  1.00 35.11 ? 6   DA  A OP1    1 
ATOM   158 O  OP2    . DA  A 1 6  ? 9.070   2.049   -5.910  1.00 31.92 ? 6   DA  A OP2    1 
ATOM   159 O  "O5'"  . DA  A 1 6  ? 6.917   3.212   -6.212  1.00 30.28 ? 6   DA  A "O5'"  1 
ATOM   160 C  "C5'"  . DA  A 1 6  ? 6.009   3.959   -7.017  1.00 32.70 ? 6   DA  A "C5'"  1 
ATOM   161 C  "C4'"  . DA  A 1 6  ? 4.942   4.592   -6.148  1.00 32.00 ? 6   DA  A "C4'"  1 
ATOM   162 O  "O4'"  . DA  A 1 6  ? 4.094   3.582   -5.543  1.00 34.43 ? 6   DA  A "O4'"  1 
ATOM   163 C  "C3'"  . DA  A 1 6  ? 5.525   5.407   -5.009  1.00 29.91 ? 6   DA  A "C3'"  1 
ATOM   164 O  "O3'"  . DA  A 1 6  ? 4.905   6.680   -5.083  1.00 30.28 ? 6   DA  A "O3'"  1 
ATOM   165 C  "C2'"  . DA  A 1 6  ? 5.227   4.576   -3.768  1.00 30.44 ? 6   DA  A "C2'"  1 
ATOM   166 C  "C1'"  . DA  A 1 6  ? 3.968   3.811   -4.165  1.00 32.29 ? 6   DA  A "C1'"  1 
ATOM   167 N  N9     . DA  A 1 6  ? 3.763   2.494   -3.568  1.00 28.70 ? 6   DA  A N9     1 
ATOM   168 C  C8     . DA  A 1 6  ? 4.648   1.463   -3.430  1.00 31.30 ? 6   DA  A C8     1 
ATOM   169 N  N7     . DA  A 1 6  ? 4.122   0.396   -2.842  1.00 34.78 ? 6   DA  A N7     1 
ATOM   170 C  C5     . DA  A 1 6  ? 2.811   0.749   -2.613  1.00 27.04 ? 6   DA  A C5     1 
ATOM   171 C  C6     . DA  A 1 6  ? 1.724   0.073   -2.039  1.00 25.60 ? 6   DA  A C6     1 
ATOM   172 N  N6     . DA  A 1 6  ? 1.773   -1.160  -1.571  1.00 27.16 ? 6   DA  A N6     1 
ATOM   173 N  N1     . DA  A 1 6  ? 0.572   0.737   -1.959  1.00 25.26 ? 6   DA  A N1     1 
ATOM   174 C  C2     . DA  A 1 6  ? 0.491   1.982   -2.430  1.00 29.20 ? 6   DA  A C2     1 
ATOM   175 N  N3     . DA  A 1 6  ? 1.438   2.722   -2.986  1.00 29.31 ? 6   DA  A N3     1 
ATOM   176 C  C4     . DA  A 1 6  ? 2.581   2.035   -3.043  1.00 27.34 ? 6   DA  A C4     1 
ATOM   177 H  "H5'"  . DA  A 1 6  ? 5.585   3.362   -7.668  1.00 39.24 ? 6   DA  A "H5'"  1 
ATOM   178 H  "H5''" . DA  A 1 6  ? 6.499   4.663   -7.492  1.00 39.24 ? 6   DA  A "H5''" 1 
ATOM   179 H  "H4'"  . DA  A 1 6  ? 4.388   5.178   -6.705  1.00 38.41 ? 6   DA  A "H4'"  1 
ATOM   180 H  "H3'"  . DA  A 1 6  ? 6.494   5.498   -5.127  1.00 35.89 ? 6   DA  A "H3'"  1 
ATOM   181 H  "H2'"  . DA  A 1 6  ? 5.964   3.957   -3.580  1.00 36.53 ? 6   DA  A "H2'"  1 
ATOM   182 H  "H2''" . DA  A 1 6  ? 5.053   5.155   -2.997  1.00 36.53 ? 6   DA  A "H2''" 1 
ATOM   183 H  "H1'"  . DA  A 1 6  ? 3.180   4.370   -4.000  1.00 38.74 ? 6   DA  A "H1'"  1 
ATOM   184 H  H8     . DA  A 1 6  ? 5.585   1.513   -3.715  1.00 37.56 ? 6   DA  A H8     1 
ATOM   185 H  H61    . DA  A 1 6  ? 0.973   -1.566  -1.175  1.00 32.60 ? 6   DA  A H61    1 
ATOM   186 H  H62    . DA  A 1 6  ? 2.609   -1.670  -1.617  1.00 32.60 ? 6   DA  A H62    1 
ATOM   187 H  H2     . DA  A 1 6  ? -0.385  2.412   -2.343  1.00 35.04 ? 6   DA  A H2     1 
ATOM   188 P  P      . DT  A 1 7  ? 5.183   7.814   -3.981  1.00 34.78 ? 7   DT  A P      1 
ATOM   189 O  OP1    . DT  A 1 7  ? 4.921   9.124   -4.598  1.00 41.22 ? 7   DT  A OP1    1 
ATOM   190 O  OP2    . DT  A 1 7  ? 6.459   7.537   -3.273  1.00 33.57 ? 7   DT  A OP2    1 
ATOM   191 O  "O5'"  . DT  A 1 7  ? 3.989   7.601   -2.962  1.00 33.57 ? 7   DT  A "O5'"  1 
ATOM   192 C  "C5'"  . DT  A 1 7  ? 2.673   7.701   -3.452  1.00 35.52 ? 7   DT  A "C5'"  1 
ATOM   193 C  "C4'"  . DT  A 1 7  ? 1.711   7.364   -2.321  1.00 30.04 ? 7   DT  A "C4'"  1 
ATOM   194 O  "O4'"  . DT  A 1 7  ? 1.833   5.972   -1.934  1.00 31.37 ? 7   DT  A "O4'"  1 
ATOM   195 C  "C3'"  . DT  A 1 7  ? 1.969   8.158   -1.051  1.00 32.71 ? 7   DT  A "C3'"  1 
ATOM   196 O  "O3'"  . DT  A 1 7  ? 0.834   8.992   -0.856  1.00 38.09 ? 7   DT  A "O3'"  1 
ATOM   197 C  "C2'"  . DT  A 1 7  ? 2.223   7.108   0.040   1.00 34.31 ? 7   DT  A "C2'"  1 
ATOM   198 C  "C1'"  . DT  A 1 7  ? 1.606   5.848   -0.557  1.00 31.14 ? 7   DT  A "C1'"  1 
ATOM   199 N  N1     . DT  A 1 7  ? 2.181   4.533   -0.165  1.00 31.65 ? 7   DT  A N1     1 
ATOM   200 C  C2     . DT  A 1 7  ? 1.336   3.602   0.376   1.00 29.26 ? 7   DT  A C2     1 
ATOM   201 O  O2     . DT  A 1 7  ? 0.152   3.774   0.596   1.00 32.25 ? 7   DT  A O2     1 
ATOM   202 N  N3     . DT  A 1 7  ? 1.940   2.433   0.686   1.00 28.25 ? 7   DT  A N3     1 
ATOM   203 C  C4     . DT  A 1 7  ? 3.236   2.057   0.537   1.00 28.05 ? 7   DT  A C4     1 
ATOM   204 O  O4     . DT  A 1 7  ? 3.608   0.936   0.861   1.00 27.17 ? 7   DT  A O4     1 
ATOM   205 C  C5     . DT  A 1 7  ? 4.067   3.062   -0.035  1.00 26.67 ? 7   DT  A C5     1 
ATOM   206 C  C7     . DT  A 1 7  ? 5.501   2.738   -0.251  1.00 29.14 ? 7   DT  A C7     1 
ATOM   207 C  C6     . DT  A 1 7  ? 3.517   4.239   -0.349  1.00 29.94 ? 7   DT  A C6     1 
ATOM   208 H  "H5'"  . DT  A 1 7  ? 2.547   7.069   -4.191  1.00 42.62 ? 7   DT  A "H5'"  1 
ATOM   209 H  "H5''" . DT  A 1 7  ? 2.505   8.614   -3.766  1.00 42.62 ? 7   DT  A "H5''" 1 
ATOM   210 H  "H4'"  . DT  A 1 7  ? 0.794   7.532   -2.621  1.00 36.05 ? 7   DT  A "H4'"  1 
ATOM   211 H  "H3'"  . DT  A 1 7  ? 2.769   8.712   -1.168  1.00 39.26 ? 7   DT  A "H3'"  1 
ATOM   212 H  "H2'"  . DT  A 1 7  ? 3.184   6.988   0.188   1.00 41.17 ? 7   DT  A "H2'"  1 
ATOM   213 H  "H2''" . DT  A 1 7  ? 1.769   7.357   0.873   1.00 41.17 ? 7   DT  A "H2''" 1 
ATOM   214 H  "H1'"  . DT  A 1 7  ? 0.641   5.845   -0.385  1.00 37.37 ? 7   DT  A "H1'"  1 
ATOM   215 H  H3     . DT  A 1 7  ? 1.354   1.753   1.080   1.00 33.90 ? 7   DT  A H3     1 
ATOM   216 H  H71    . DT  A 1 7  ? 6.057   3.364   0.259   1.00 34.96 ? 7   DT  A H71    1 
ATOM   217 H  H72    . DT  A 1 7  ? 5.679   1.823   0.051   1.00 34.96 ? 7   DT  A H72    1 
ATOM   218 H  H73    . DT  A 1 7  ? 5.714   2.816   -1.205  1.00 34.96 ? 7   DT  A H73    1 
ATOM   219 H  H6     . DT  A 1 7  ? 4.089   4.924   -0.756  1.00 35.93 ? 7   DT  A H6     1 
ATOM   220 P  P      . DT  A 1 8  ? 0.756   9.988   0.394   1.00 41.70 ? 8   DT  A P      1 
ATOM   221 O  OP1    . DT  A 1 8  ? -0.062  11.135  -0.052  1.00 36.43 ? 8   DT  A OP1    1 
ATOM   222 O  OP2    . DT  A 1 8  ? 2.116   10.185  0.959   1.00 41.03 ? 8   DT  A OP2    1 
ATOM   223 O  "O5'"  . DT  A 1 8  ? -0.058  9.141   1.471   1.00 40.52 ? 8   DT  A "O5'"  1 
ATOM   224 C  "C5'"  . DT  A 1 8  ? -1.322  8.645   1.042   1.00 37.34 ? 8   DT  A "C5'"  1 
ATOM   225 C  "C4'"  . DT  A 1 8  ? -1.890  7.735   2.097   1.00 36.36 ? 8   DT  A "C4'"  1 
ATOM   226 O  "O4'"  . DT  A 1 8  ? -1.032  6.590   2.221   1.00 36.53 ? 8   DT  A "O4'"  1 
ATOM   227 C  "C3'"  . DT  A 1 8  ? -1.968  8.362   3.489   1.00 35.65 ? 8   DT  A "C3'"  1 
ATOM   228 O  "O3'"  . DT  A 1 8  ? -3.281  8.218   3.959   1.00 38.26 ? 8   DT  A "O3'"  1 
ATOM   229 C  "C2'"  . DT  A 1 8  ? -0.931  7.610   4.318   1.00 35.48 ? 8   DT  A "C2'"  1 
ATOM   230 C  "C1'"  . DT  A 1 8  ? -0.920  6.273   3.600   1.00 34.77 ? 8   DT  A "C1'"  1 
ATOM   231 N  N1     . DT  A 1 8  ? 0.279   5.402   3.717   1.00 29.05 ? 8   DT  A N1     1 
ATOM   232 C  C2     . DT  A 1 8  ? 0.042   4.092   4.031   1.00 29.41 ? 8   DT  A C2     1 
ATOM   233 O  O2     . DT  A 1 8  ? -1.059  3.630   4.260   1.00 35.61 ? 8   DT  A O2     1 
ATOM   234 N  N3     . DT  A 1 8  ? 1.151   3.322   4.103   1.00 31.40 ? 8   DT  A N3     1 
ATOM   235 C  C4     . DT  A 1 8  ? 2.451   3.680   3.863   1.00 28.35 ? 8   DT  A C4     1 
ATOM   236 O  O4     . DT  A 1 8  ? 3.332   2.838   3.950   1.00 25.70 ? 8   DT  A O4     1 
ATOM   237 C  C5     . DT  A 1 8  ? 2.647   5.070   3.517   1.00 27.94 ? 8   DT  A C5     1 
ATOM   238 C  C7     . DT  A 1 8  ? 4.025   5.609   3.248   1.00 28.88 ? 8   DT  A C7     1 
ATOM   239 C  C6     . DT  A 1 8  ? 1.561   5.859   3.448   1.00 30.08 ? 8   DT  A C6     1 
ATOM   240 H  "H5'"  . DT  A 1 8  ? -1.210  8.147   0.205   1.00 44.81 ? 8   DT  A "H5'"  1 
ATOM   241 H  "H5''" . DT  A 1 8  ? -1.935  9.396   0.895   1.00 44.81 ? 8   DT  A "H5''" 1 
ATOM   242 H  "H4'"  . DT  A 1 8  ? -2.784  7.440   1.823   1.00 43.63 ? 8   DT  A "H4'"  1 
ATOM   243 H  "H3'"  . DT  A 1 8  ? -1.732  9.312   3.440   1.00 42.78 ? 8   DT  A "H3'"  1 
ATOM   244 H  "H2'"  . DT  A 1 8  ? -0.055  8.045   4.267   1.00 42.57 ? 8   DT  A "H2'"  1 
ATOM   245 H  "H2''" . DT  A 1 8  ? -1.228  7.510   5.247   1.00 42.57 ? 8   DT  A "H2''" 1 
ATOM   246 H  "H1'"  . DT  A 1 8  ? -1.711  5.761   3.872   1.00 41.73 ? 8   DT  A "H1'"  1 
ATOM   247 H  H3     . DT  A 1 8  ? 1.004   2.380   4.328   1.00 37.68 ? 8   DT  A H3     1 
ATOM   248 H  H71    . DT  A 1 8  ? 4.226   6.326   3.885   1.00 34.66 ? 8   DT  A H71    1 
ATOM   249 H  H72    . DT  A 1 8  ? 4.683   4.889   3.349   1.00 34.66 ? 8   DT  A H72    1 
ATOM   250 H  H73    . DT  A 1 8  ? 4.065   5.962   2.334   1.00 34.66 ? 8   DT  A H73    1 
ATOM   251 H  H6     . DT  A 1 8  ? 1.682   6.803   3.214   1.00 36.10 ? 8   DT  A H6     1 
ATOM   252 P  P      . DC  A 1 9  ? -3.644  8.541   5.496   1.00 47.80 ? 9   DC  A P      1 
ATOM   253 O  OP1    . DC  A 1 9  ? -5.017  9.086   5.465   1.00 51.85 ? 9   DC  A OP1    1 
ATOM   254 O  OP2    . DC  A 1 9  ? -2.552  9.276   6.161   1.00 39.62 ? 9   DC  A OP2    1 
ATOM   255 O  "O5'"  . DC  A 1 9  ? -3.641  7.109   6.189   1.00 39.72 ? 9   DC  A "O5'"  1 
ATOM   256 C  "C5'"  . DC  A 1 9  ? -4.428  6.120   5.595   1.00 35.37 ? 9   DC  A "C5'"  1 
ATOM   257 C  "C4'"  . DC  A 1 9  ? -4.573  4.920   6.499   1.00 35.48 ? 9   DC  A "C4'"  1 
ATOM   258 O  "O4'"  . DC  A 1 9  ? -3.315  4.205   6.644   1.00 33.40 ? 9   DC  A "O4'"  1 
ATOM   259 C  "C3'"  . DC  A 1 9  ? -5.028  5.226   7.907   1.00 39.29 ? 9   DC  A "C3'"  1 
ATOM   260 O  "O3'"  . DC  A 1 9  ? -5.997  4.209   8.169   1.00 38.03 ? 9   DC  A "O3'"  1 
ATOM   261 C  "C2'"  . DC  A 1 9  ? -3.735  5.169   8.724   1.00 33.74 ? 9   DC  A "C2'"  1 
ATOM   262 C  "C1'"  . DC  A 1 9  ? -2.918  4.094   7.994   1.00 34.40 ? 9   DC  A "C1'"  1 
ATOM   263 N  N1     . DC  A 1 9  ? -1.431  4.181   7.850   1.00 29.30 ? 9   DC  A N1     1 
ATOM   264 C  C2     . DC  A 1 9  ? -0.629  3.042   8.001   1.00 29.76 ? 9   DC  A C2     1 
ATOM   265 O  O2     . DC  A 1 9  ? -1.155  1.974   8.318   1.00 29.99 ? 9   DC  A O2     1 
ATOM   266 N  N3     . DC  A 1 9  ? 0.718   3.130   7.831   1.00 28.88 ? 9   DC  A N3     1 
ATOM   267 C  C4     . DC  A 1 9  ? 1.259   4.292   7.481   1.00 29.51 ? 9   DC  A C4     1 
ATOM   268 N  N4     . DC  A 1 9  ? 2.581   4.346   7.302   1.00 28.94 ? 9   DC  A N4     1 
ATOM   269 C  C5     . DC  A 1 9  ? 0.461   5.452   7.307   1.00 30.66 ? 9   DC  A C5     1 
ATOM   270 C  C6     . DC  A 1 9  ? -0.859  5.346   7.487   1.00 32.19 ? 9   DC  A C6     1 
ATOM   271 H  "H5'"  . DC  A 1 9  ? -4.011  5.839   4.753   1.00 42.44 ? 9   DC  A "H5'"  1 
ATOM   272 H  "H5''" . DC  A 1 9  ? -5.317  6.488   5.404   1.00 42.44 ? 9   DC  A "H5''" 1 
ATOM   273 H  "H4'"  . DC  A 1 9  ? -5.226  4.312   6.093   1.00 42.58 ? 9   DC  A "H4'"  1 
ATOM   274 H  "H3'"  . DC  A 1 9  ? -5.433  6.117   7.954   1.00 47.15 ? 9   DC  A "H3'"  1 
ATOM   275 H  "H2'"  . DC  A 1 9  ? -3.271  6.032   8.701   1.00 40.49 ? 9   DC  A "H2'"  1 
ATOM   276 H  "H2''" . DC  A 1 9  ? -3.919  4.896   9.648   1.00 40.49 ? 9   DC  A "H2''" 1 
ATOM   277 H  "H1'"  . DC  A 1 9  ? -3.163  3.208   8.333   1.00 41.28 ? 9   DC  A "H1'"  1 
ATOM   278 H  H41    . DC  A 1 9  ? 3.005   5.191   7.044   1.00 34.73 ? 9   DC  A H41    1 
ATOM   279 H  H42    . DC  A 1 9  ? 3.126   3.542   7.430   1.00 34.73 ? 9   DC  A H42    1 
ATOM   280 H  H5     . DC  A 1 9  ? 0.867   6.307   7.051   1.00 36.79 ? 9   DC  A H5     1 
ATOM   281 H  H6     . DC  A 1 9  ? -1.424  6.137   7.359   1.00 38.63 ? 9   DC  A H6     1 
ATOM   282 P  P      . DG  A 1 10 ? -6.900  4.246   9.494   1.00 41.45 ? 10  DG  A P      1 
ATOM   283 O  OP1    . DG  A 1 10 ? -7.987  3.289   9.139   1.00 39.43 ? 10  DG  A OP1    1 
ATOM   284 O  OP2    . DG  A 1 10 ? -7.130  5.642   9.955   1.00 33.91 ? 10  DG  A OP2    1 
ATOM   285 O  "O5'"  . DG  A 1 10 ? -5.953  3.627   10.636  1.00 38.14 ? 10  DG  A "O5'"  1 
ATOM   286 C  "C5'"  . DG  A 1 10 ? -5.685  2.234   10.683  1.00 42.01 ? 10  DG  A "C5'"  1 
ATOM   287 C  "C4'"  . DG  A 1 10 ? -4.659  1.927   11.758  1.00 43.48 ? 10  DG  A "C4'"  1 
ATOM   288 O  "O4'"  . DG  A 1 10 ? -3.316  2.302   11.334  1.00 37.66 ? 10  DG  A "O4'"  1 
ATOM   289 C  "C3'"  . DG  A 1 10 ? -4.888  2.678   13.065  1.00 43.55 ? 10  DG  A "C3'"  1 
ATOM   290 O  "O3'"  . DG  A 1 10 ? -4.515  1.843   14.165  1.00 51.09 ? 10  DG  A "O3'"  1 
ATOM   291 C  "C2'"  . DG  A 1 10 ? -3.943  3.861   12.896  1.00 41.70 ? 10  DG  A "C2'"  1 
ATOM   292 C  "C1'"  . DG  A 1 10 ? -2.749  3.090   12.358  1.00 36.76 ? 10  DG  A "C1'"  1 
ATOM   293 N  N9     . DG  A 1 10 ? -1.612  3.866   11.861  1.00 37.61 ? 10  DG  A N9     1 
ATOM   294 C  C8     . DG  A 1 10 ? -1.514  5.200   11.546  1.00 39.21 ? 10  DG  A C8     1 
ATOM   295 N  N7     . DG  A 1 10 ? -0.320  5.562   11.129  1.00 34.21 ? 10  DG  A N7     1 
ATOM   296 C  C5     . DG  A 1 10 ? 0.405   4.391   11.182  1.00 30.14 ? 10  DG  A C5     1 
ATOM   297 C  C6     . DG  A 1 10 ? 1.746   4.149   10.863  1.00 33.12 ? 10  DG  A C6     1 
ATOM   298 O  O6     . DG  A 1 10 ? 2.617   4.931   10.443  1.00 33.45 ? 10  DG  A O6     1 
ATOM   299 N  N1     . DG  A 1 10 ? 2.062   2.817   11.063  1.00 31.45 ? 10  DG  A N1     1 
ATOM   300 C  C2     . DG  A 1 10 ? 1.215   1.850   11.520  1.00 31.19 ? 10  DG  A C2     1 
ATOM   301 N  N2     . DG  A 1 10 ? 1.734   0.631   11.656  1.00 24.57 ? 10  DG  A N2     1 
ATOM   302 N  N3     . DG  A 1 10 ? -0.056  2.054   11.809  1.00 31.62 ? 10  DG  A N3     1 
ATOM   303 C  C4     . DG  A 1 10 ? -0.371  3.348   11.622  1.00 31.55 ? 10  DG  A C4     1 
ATOM   304 H  "H5'"  . DG  A 1 10 ? -5.341  1.941   9.814   1.00 50.42 ? 10  DG  A "H5'"  1 
ATOM   305 H  "H5''" . DG  A 1 10 ? -6.515  1.752   10.881  1.00 50.42 ? 10  DG  A "H5''" 1 
ATOM   306 H  "H4'"  . DG  A 1 10 ? -4.674  0.965   11.942  1.00 52.18 ? 10  DG  A "H4'"  1 
ATOM   307 H  "H3'"  . DG  A 1 10 ? -5.819  2.976   13.142  1.00 52.26 ? 10  DG  A "H3'"  1 
ATOM   308 H  "H2'"  . DG  A 1 10 ? -4.283  4.503   12.239  1.00 50.04 ? 10  DG  A "H2'"  1 
ATOM   309 H  "H2''" . DG  A 1 10 ? -3.740  4.286   13.755  1.00 50.04 ? 10  DG  A "H2''" 1 
ATOM   310 H  "H1'"  . DG  A 1 10 ? -2.426  2.491   13.064  1.00 44.11 ? 10  DG  A "H1'"  1 
ATOM   311 H  H8     . DG  A 1 10 ? -2.267  5.823   11.613  1.00 47.05 ? 10  DG  A H8     1 
ATOM   312 H  H1     . DG  A 1 10 ? 2.984   2.547   10.869  1.00 37.74 ? 10  DG  A H1     1 
ATOM   313 H  H21    . DG  A 1 10 ? 2.677   0.473   11.443  1.00 29.48 ? 10  DG  A H21    1 
ATOM   314 H  H22    . DG  A 1 10 ? 1.172   -0.109  11.970  1.00 29.48 ? 10  DG  A H22    1 
ATOM   315 P  P      . DC  A 1 11 ? -5.617  0.992   14.984  1.00 47.94 ? 11  DC  A P      1 
ATOM   316 O  OP1    . DC  A 1 11 ? -6.732  0.655   14.058  1.00 52.91 ? 11  DC  A OP1    1 
ATOM   317 O  OP2    . DC  A 1 11 ? -5.827  1.767   16.228  1.00 43.78 ? 11  DC  A OP2    1 
ATOM   318 O  "O5'"  . DC  A 1 11 ? -4.866  -0.383  15.322  1.00 42.45 ? 11  DC  A "O5'"  1 
ATOM   319 C  "C5'"  . DC  A 1 11 ? -4.632  -1.346  14.292  1.00 35.99 ? 11  DC  A "C5'"  1 
ATOM   320 C  "C4'"  . DC  A 1 11 ? -3.309  -2.065  14.530  1.00 41.63 ? 11  DC  A "C4'"  1 
ATOM   321 O  "O4'"  . DC  A 1 11 ? -2.141  -1.204  14.298  1.00 39.63 ? 11  DC  A "O4'"  1 
ATOM   322 C  "C3'"  . DC  A 1 11 ? -3.121  -2.590  15.942  1.00 33.15 ? 11  DC  A "C3'"  1 
ATOM   323 O  "O3'"  . DC  A 1 11 ? -2.458  -3.826  15.866  1.00 34.92 ? 11  DC  A "O3'"  1 
ATOM   324 C  "C2'"  . DC  A 1 11 ? -2.261  -1.517  16.599  1.00 38.23 ? 11  DC  A "C2'"  1 
ATOM   325 C  "C1'"  . DC  A 1 11 ? -1.311  -1.172  15.451  1.00 34.74 ? 11  DC  A "C1'"  1 
ATOM   326 N  N1     . DC  A 1 11 ? -0.749  0.160   15.423  1.00 31.40 ? 11  DC  A N1     1 
ATOM   327 C  C2     . DC  A 1 11 ? 0.600   0.391   15.090  1.00 33.21 ? 11  DC  A C2     1 
ATOM   328 O  O2     . DC  A 1 11 ? 1.366   -0.547  14.862  1.00 32.10 ? 11  DC  A O2     1 
ATOM   329 N  N3     . DC  A 1 11 ? 1.055   1.655   15.025  1.00 29.37 ? 11  DC  A N3     1 
ATOM   330 C  C4     . DC  A 1 11 ? 0.228   2.672   15.272  1.00 36.64 ? 11  DC  A C4     1 
ATOM   331 N  N4     . DC  A 1 11 ? 0.699   3.923   15.204  1.00 35.63 ? 11  DC  A N4     1 
ATOM   332 C  C5     . DC  A 1 11 ? -1.138  2.449   15.599  1.00 36.61 ? 11  DC  A C5     1 
ATOM   333 C  C6     . DC  A 1 11 ? -1.578  1.196   15.649  1.00 34.73 ? 11  DC  A C6     1 
ATOM   334 H  "H5'"  . DC  A 1 11 ? -4.602  -0.891  13.424  1.00 43.19 ? 11  DC  A "H5'"  1 
ATOM   335 H  "H5''" . DC  A 1 11 ? -5.361  -2.000  14.290  1.00 43.19 ? 11  DC  A "H5''" 1 
ATOM   336 H  "H4'"  . DC  A 1 11 ? -3.258  -2.825  13.911  1.00 49.95 ? 11  DC  A "H4'"  1 
ATOM   337 H  "H3'"  . DC  A 1 11 ? -3.984  -2.678  16.399  1.00 39.78 ? 11  DC  A "H3'"  1 
ATOM   338 H  "H2'"  . DC  A 1 11 ? -2.800  -0.741  16.856  1.00 45.88 ? 11  DC  A "H2'"  1 
ATOM   339 H  "H2''" . DC  A 1 11 ? -1.770  -1.881  17.365  1.00 45.88 ? 11  DC  A "H2''" 1 
ATOM   340 H  "H1'"  . DC  A 1 11 ? -0.603  -1.845  15.378  1.00 41.68 ? 11  DC  A "H1'"  1 
ATOM   341 H  H41    . DC  A 1 11 ? 1.639   4.082   14.977  1.00 42.76 ? 11  DC  A H41    1 
ATOM   342 H  H42    . DC  A 1 11 ? 0.103   4.681   15.383  1.00 42.76 ? 11  DC  A H42    1 
ATOM   343 H  H5     . DC  A 1 11 ? -1.744  3.201   15.772  1.00 43.93 ? 11  DC  A H5     1 
ATOM   344 H  H6     . DC  A 1 11 ? -2.518  1.023   15.864  1.00 41.68 ? 11  DC  A H6     1 
ATOM   345 P  P      . DG  A 1 12 ? -2.505  -4.839  17.105  1.00 44.84 ? 12  DG  A P      1 
ATOM   346 O  OP1    . DG  A 1 12 ? -2.315  -6.185  16.519  1.00 36.72 ? 12  DG  A OP1    1 
ATOM   347 O  OP2    . DG  A 1 12 ? -3.664  -4.491  17.966  1.00 41.21 ? 12  DG  A OP2    1 
ATOM   348 O  "O5'"  . DG  A 1 12 ? -1.215  -4.449  17.969  1.00 39.96 ? 12  DG  A "O5'"  1 
ATOM   349 C  "C5'"  . DG  A 1 12 ? 0.067   -4.716  17.414  1.00 38.91 ? 12  DG  A "C5'"  1 
ATOM   350 C  "C4'"  . DG  A 1 12 ? 1.169   -4.131  18.268  1.00 36.67 ? 12  DG  A "C4'"  1 
ATOM   351 O  "O4'"  . DG  A 1 12 ? 1.313   -2.732  17.976  1.00 33.92 ? 12  DG  A "O4'"  1 
ATOM   352 C  "C3'"  . DG  A 1 12 ? 0.908   -4.205  19.758  1.00 32.73 ? 12  DG  A "C3'"  1 
ATOM   353 O  "O3'"  . DG  A 1 12 ? 1.633   -5.302  20.193  1.00 35.18 ? 12  DG  A "O3'"  1 
ATOM   354 C  "C2'"  . DG  A 1 12 ? 1.409   -2.880  20.328  1.00 34.54 ? 12  DG  A "C2'"  1 
ATOM   355 C  "C1'"  . DG  A 1 12 ? 1.866   -2.097  19.097  1.00 34.20 ? 12  DG  A "C1'"  1 
ATOM   356 N  N9     . DG  A 1 12 ? 1.443   -0.710  18.975  1.00 33.51 ? 12  DG  A N9     1 
ATOM   357 C  C8     . DG  A 1 12 ? 0.199   -0.176  19.191  1.00 36.05 ? 12  DG  A C8     1 
ATOM   358 N  N7     . DG  A 1 12 ? 0.148   1.100   18.970  1.00 35.02 ? 12  DG  A N7     1 
ATOM   359 C  C5     . DG  A 1 12 ? 1.429   1.440   18.589  1.00 32.87 ? 12  DG  A C5     1 
ATOM   360 C  C6     . DG  A 1 12 ? 1.985   2.688   18.225  1.00 36.28 ? 12  DG  A C6     1 
ATOM   361 O  O6     . DG  A 1 12 ? 1.466   3.822   18.176  1.00 35.01 ? 12  DG  A O6     1 
ATOM   362 N  N1     . DG  A 1 12 ? 3.321   2.533   17.904  1.00 31.90 ? 12  DG  A N1     1 
ATOM   363 C  C2     . DG  A 1 12 ? 4.021   1.365   17.933  1.00 30.73 ? 12  DG  A C2     1 
ATOM   364 N  N2     . DG  A 1 12 ? 5.307   1.439   17.594  1.00 31.12 ? 12  DG  A N2     1 
ATOM   365 N  N3     . DG  A 1 12 ? 3.522   0.199   18.269  1.00 31.20 ? 12  DG  A N3     1 
ATOM   366 C  C4     . DG  A 1 12 ? 2.228   0.324   18.587  1.00 32.43 ? 12  DG  A C4     1 
ATOM   367 H  "H5'"  . DG  A 1 12 ? 0.115   -4.325  16.516  1.00 46.69 ? 12  DG  A "H5'"  1 
ATOM   368 H  "H5''" . DG  A 1 12 ? 0.192   -5.686  17.349  1.00 46.69 ? 12  DG  A "H5''" 1 
ATOM   369 H  "H4'"  . DG  A 1 12 ? 2.011   -4.590  18.066  1.00 44.00 ? 12  DG  A "H4'"  1 
ATOM   370 H  "H3'"  . DG  A 1 12 ? -0.048  -4.325  19.936  1.00 39.28 ? 12  DG  A "H3'"  1 
ATOM   371 H  "HO3'" . DG  A 1 12 ? 1.174   -6.055  20.621  1.00 42.22 ? 12  DG  A "HO3'" 1 
ATOM   372 H  "H2'"  . DG  A 1 12 ? 0.682   -2.406  20.785  1.00 41.45 ? 12  DG  A "H2'"  1 
ATOM   373 H  "H2''" . DG  A 1 12 ? 2.160   -3.030  20.938  1.00 41.45 ? 12  DG  A "H2''" 1 
ATOM   374 H  "H1'"  . DG  A 1 12 ? 2.844   -2.139  19.037  1.00 41.04 ? 12  DG  A "H1'"  1 
ATOM   375 H  H8     . DG  A 1 12 ? -0.573  -0.704  19.483  1.00 43.27 ? 12  DG  A H8     1 
ATOM   376 H  H1     . DG  A 1 12 ? 3.813   3.340   17.644  1.00 38.28 ? 12  DG  A H1     1 
ATOM   377 H  H21    . DG  A 1 12 ? 5.863   0.632   17.600  1.00 37.34 ? 12  DG  A H21    1 
ATOM   378 H  H22    . DG  A 1 12 ? 5.697   2.302   17.340  1.00 37.34 ? 12  DG  A H22    1 
ATOM   379 O  "O5'"  . DC  B 1 1  ? 8.519   9.680   17.383  1.00 57.63 ? 13  DC  B "O5'"  1 
ATOM   380 C  "C5'"  . DC  B 1 1  ? 9.637   8.889   17.784  1.00 55.91 ? 13  DC  B "C5'"  1 
ATOM   381 C  "C4'"  . DC  B 1 1  ? 9.668   7.570   17.043  1.00 41.89 ? 13  DC  B "C4'"  1 
ATOM   382 O  "O4'"  . DC  B 1 1  ? 8.614   6.679   17.497  1.00 42.60 ? 13  DC  B "O4'"  1 
ATOM   383 C  "C3'"  . DC  B 1 1  ? 9.427   7.677   15.559  1.00 42.03 ? 13  DC  B "C3'"  1 
ATOM   384 O  "O3'"  . DC  B 1 1  ? 10.035  6.556   15.028  1.00 44.64 ? 13  DC  B "O3'"  1 
ATOM   385 C  "C2'"  . DC  B 1 1  ? 7.909   7.568   15.463  1.00 46.36 ? 13  DC  B "C2'"  1 
ATOM   386 C  "C1'"  . DC  B 1 1  ? 7.679   6.438   16.458  1.00 40.67 ? 13  DC  B "C1'"  1 
ATOM   387 N  N1     . DC  B 1 1  ? 6.367   6.412   17.105  1.00 41.90 ? 13  DC  B N1     1 
ATOM   388 C  C2     . DC  B 1 1  ? 5.585   5.250   17.140  1.00 38.51 ? 13  DC  B C2     1 
ATOM   389 O  O2     . DC  B 1 1  ? 5.980   4.222   16.600  1.00 39.33 ? 13  DC  B O2     1 
ATOM   390 N  N3     . DC  B 1 1  ? 4.387   5.279   17.770  1.00 44.35 ? 13  DC  B N3     1 
ATOM   391 C  C4     . DC  B 1 1  ? 3.965   6.393   18.375  1.00 50.18 ? 13  DC  B C4     1 
ATOM   392 N  N4     . DC  B 1 1  ? 2.779   6.374   19.013  1.00 47.06 ? 13  DC  B N4     1 
ATOM   393 C  C5     . DC  B 1 1  ? 4.756   7.580   18.357  1.00 48.33 ? 13  DC  B C5     1 
ATOM   394 C  C6     . DC  B 1 1  ? 5.935   7.544   17.725  1.00 48.37 ? 13  DC  B C6     1 
ATOM   395 H  "H5'"  . DC  B 1 1  ? 9.578   8.716   18.747  1.00 67.09 ? 13  DC  B "H5'"  1 
ATOM   396 H  "H5''" . DC  B 1 1  ? 10.463  9.382   17.597  1.00 67.09 ? 13  DC  B "H5''" 1 
ATOM   397 H  "H4'"  . DC  B 1 1  ? 10.535  7.140   17.194  1.00 50.27 ? 13  DC  B "H4'"  1 
ATOM   398 H  "H3'"  . DC  B 1 1  ? 9.773   8.513   15.183  1.00 50.44 ? 13  DC  B "H3'"  1 
ATOM   399 H  "H2'"  . DC  B 1 1  ? 7.474   8.395   15.756  1.00 55.63 ? 13  DC  B "H2'"  1 
ATOM   400 H  "H2''" . DC  B 1 1  ? 7.627   7.311   14.561  1.00 55.63 ? 13  DC  B "H2''" 1 
ATOM   401 H  "H1'"  . DC  B 1 1  ? 7.863   5.574   16.035  1.00 48.81 ? 13  DC  B "H1'"  1 
ATOM   402 H  H41    . DC  B 1 1  ? 2.452   7.181   19.464  1.00 56.47 ? 13  DC  B H41    1 
ATOM   403 H  H42    . DC  B 1 1  ? 2.243   5.554   19.028  1.00 56.47 ? 13  DC  B H42    1 
ATOM   404 H  H5     . DC  B 1 1  ? 4.446   8.400   18.796  1.00 57.99 ? 13  DC  B H5     1 
ATOM   405 H  H6     . DC  B 1 1  ? 6.495   8.349   17.701  1.00 58.04 ? 13  DC  B H6     1 
ATOM   406 H  "HO5'" . DC  B 1 1  ? 8.469   10.625  17.640  1.00 69.15 ? 13  DC  B "HO5'" 1 
ATOM   407 P  P      . DG  B 1 2  ? 11.065  6.673   13.808  1.00 50.27 ? 14  DG  B P      1 
ATOM   408 O  OP1    . DG  B 1 2  ? 12.335  7.208   14.358  1.00 46.21 ? 14  DG  B OP1    1 
ATOM   409 O  OP2    . DG  B 1 2  ? 10.366  7.340   12.689  1.00 42.22 ? 14  DG  B OP2    1 
ATOM   410 O  "O5'"  . DG  B 1 2  ? 11.303  5.137   13.405  1.00 46.21 ? 14  DG  B "O5'"  1 
ATOM   411 C  "C5'"  . DG  B 1 2  ? 11.784  4.237   14.406  1.00 44.21 ? 14  DG  B "C5'"  1 
ATOM   412 C  "C4'"  . DG  B 1 2  ? 11.037  2.918   14.336  1.00 37.99 ? 14  DG  B "C4'"  1 
ATOM   413 O  "O4'"  . DG  B 1 2  ? 9.679   3.114   14.804  1.00 42.36 ? 14  DG  B "O4'"  1 
ATOM   414 C  "C3'"  . DG  B 1 2  ? 10.945  2.351   12.931  1.00 36.83 ? 14  DG  B "C3'"  1 
ATOM   415 O  "O3'"  . DG  B 1 2  ? 11.584  1.113   12.792  1.00 39.41 ? 14  DG  B "O3'"  1 
ATOM   416 C  "C2'"  . DG  B 1 2  ? 9.458   2.182   12.664  1.00 42.07 ? 14  DG  B "C2'"  1 
ATOM   417 C  "C1'"  . DG  B 1 2  ? 8.799   2.339   14.021  1.00 37.63 ? 14  DG  B "C1'"  1 
ATOM   418 N  N9     . DG  B 1 2  ? 7.535   3.043   13.878  1.00 37.33 ? 14  DG  B N9     1 
ATOM   419 C  C8     . DG  B 1 2  ? 7.404   4.343   13.516  1.00 35.52 ? 14  DG  B C8     1 
ATOM   420 N  N7     . DG  B 1 2  ? 6.174   4.726   13.452  1.00 38.53 ? 14  DG  B N7     1 
ATOM   421 C  C5     . DG  B 1 2  ? 5.434   3.608   13.778  1.00 33.51 ? 14  DG  B C5     1 
ATOM   422 C  C6     . DG  B 1 2  ? 4.037   3.448   13.864  1.00 32.10 ? 14  DG  B C6     1 
ATOM   423 O  O6     . DG  B 1 2  ? 3.172   4.309   13.672  1.00 30.85 ? 14  DG  B O6     1 
ATOM   424 N  N1     . DG  B 1 2  ? 3.683   2.155   14.239  1.00 28.43 ? 14  DG  B N1     1 
ATOM   425 C  C2     . DG  B 1 2  ? 4.582   1.156   14.473  1.00 31.72 ? 14  DG  B C2     1 
ATOM   426 N  N2     . DG  B 1 2  ? 4.062   -0.030  14.800  1.00 28.83 ? 14  DG  B N2     1 
ATOM   427 N  N3     . DG  B 1 2  ? 5.909   1.295   14.376  1.00 31.36 ? 14  DG  B N3     1 
ATOM   428 C  C4     . DG  B 1 2  ? 6.257   2.553   14.041  1.00 33.69 ? 14  DG  B C4     1 
ATOM   429 H  "H5'"  . DG  B 1 2  ? 11.650  4.636   15.292  1.00 53.06 ? 14  DG  B "H5'"  1 
ATOM   430 H  "H5''" . DG  B 1 2  ? 12.740  4.076   14.264  1.00 53.06 ? 14  DG  B "H5''" 1 
ATOM   431 H  "H4'"  . DG  B 1 2  ? 11.485  2.265   14.915  1.00 45.59 ? 14  DG  B "H4'"  1 
ATOM   432 H  "H3'"  . DG  B 1 2  ? 11.322  2.991   12.292  1.00 44.19 ? 14  DG  B "H3'"  1 
ATOM   433 H  "H2'"  . DG  B 1 2  ? 9.141   2.875   12.049  1.00 50.49 ? 14  DG  B "H2'"  1 
ATOM   434 H  "H2''" . DG  B 1 2  ? 9.277   1.289   12.300  1.00 50.49 ? 14  DG  B "H2''" 1 
ATOM   435 H  "H1'"  . DG  B 1 2  ? 8.656   1.463   14.435  1.00 45.16 ? 14  DG  B "H1'"  1 
ATOM   436 H  H8     . DG  B 1 2  ? 8.165   4.935   13.338  1.00 42.63 ? 14  DG  B H8     1 
ATOM   437 H  H1     . DG  B 1 2  ? 2.729   1.943   14.316  1.00 34.12 ? 14  DG  B H1     1 
ATOM   438 H  H21    . DG  B 1 2  ? 3.090   -0.136  14.872  1.00 34.60 ? 14  DG  B H21    1 
ATOM   439 H  H22    . DG  B 1 2  ? 4.652   -0.795  14.967  1.00 34.60 ? 14  DG  B H22    1 
HETATM 440 P  P      . 2GF B 1 3  ? 11.718  0.468   11.332  1.00 44.39 ? 15  2GF B P      1 
HETATM 441 O  OP1    . 2GF B 1 3  ? 12.974  -0.288  11.408  1.00 37.89 ? 15  2GF B OP1    1 
HETATM 442 O  OP2    . 2GF B 1 3  ? 11.934  1.613   10.403  1.00 37.87 ? 15  2GF B OP2    1 
HETATM 443 O  "O5'"  . 2GF B 1 3  ? 10.408  -0.317  11.177  1.00 36.00 ? 15  2GF B "O5'"  1 
HETATM 444 C  "C5'"  . 2GF B 1 3  ? 10.320  -1.516  11.802  1.00 35.35 ? 15  2GF B "C5'"  1 
HETATM 445 C  "C4'"  . 2GF B 1 3  ? 8.884   -1.974  11.877  1.00 35.00 ? 15  2GF B "C4'"  1 
HETATM 446 O  "O4'"  . 2GF B 1 3  ? 8.051   -0.901  12.065  1.00 36.99 ? 15  2GF B "O4'"  1 
HETATM 447 C  "C3'"  . 2GF B 1 3  ? 8.482   -2.661  10.647  1.00 37.25 ? 15  2GF B "C3'"  1 
HETATM 448 O  "O3'"  . 2GF B 1 3  ? 8.990   -3.718  10.313  1.00 38.17 ? 15  2GF B "O3'"  1 
HETATM 449 C  "C2'"  . 2GF B 1 3  ? 7.402   -1.879  10.025  1.00 34.70 ? 15  2GF B "C2'"  1 
HETATM 450 C  "C1'"  . 2GF B 1 3  ? 6.962   -1.067  11.214  1.00 31.87 ? 15  2GF B "C1'"  1 
HETATM 451 N  N1     . 2GF B 1 3  ? 6.549   0.234   10.863  1.00 31.70 ? 15  2GF B N1     1 
HETATM 452 C  C2     . 2GF B 1 3  ? 5.217   0.635   11.032  1.00 27.86 ? 15  2GF B C2     1 
HETATM 453 O  O2     . 2GF B 1 3  ? 4.307   -0.270  11.499  1.00 36.10 ? 15  2GF B O2     1 
HETATM 454 N  N3     . 2GF B 1 3  ? 4.764   1.937   10.712  1.00 30.44 ? 15  2GF B N3     1 
HETATM 455 C  C4     . 2GF B 1 3  ? 5.674   2.838   10.217  1.00 32.64 ? 15  2GF B C4     1 
HETATM 456 N  N4     . 2GF B 1 3  ? 5.285   4.179   9.871   1.00 33.81 ? 15  2GF B N4     1 
HETATM 457 C  C5     . 2GF B 1 3  ? 7.043   2.443   10.068  1.00 37.66 ? 15  2GF B C5     1 
HETATM 458 C  C6     . 2GF B 1 3  ? 7.479   1.166   10.390  1.00 31.86 ? 15  2GF B C6     1 
HETATM 459 CL CL     . 2GF B 1 3  ? 8.166   3.623   9.451   1.00 54.63 ? 15  2GF B CL     1 
HETATM 460 H  "H5'1" . 2GF B 1 3  ? 10.678  -1.427  12.717  1.00 42.41 ? 15  2GF B "H5'1" 1 
HETATM 461 H  "H5'2" . 2GF B 1 3  ? 10.842  -2.170  11.319  1.00 42.41 ? 15  2GF B "H5'2" 1 
HETATM 462 H  "H4'"  . 2GF B 1 3  ? 8.788   -2.579  12.620  1.00 42.00 ? 15  2GF B "H4'"  1 
HETATM 463 H  "H2'2" . 2GF B 1 3  ? 6.704   -2.451  9.698   1.00 41.64 ? 15  2GF B "H2'2" 1 
HETATM 464 H  "H2'"  . 2GF B 1 3  ? 7.756   -1.306  9.299   1.00 41.64 ? 15  2GF B "H2'"  1 
HETATM 465 H  "H1'"  . 2GF B 1 3  ? 6.234   -1.535  11.687  1.00 38.24 ? 15  2GF B "H1'"  1 
HETATM 466 H  H42    . 2GF B 1 3  ? 5.862   4.718   9.448   1.00 40.57 ? 15  2GF B H42    1 
HETATM 467 H  H41    . 2GF B 1 3  ? 4.441   4.484   10.084  1.00 40.57 ? 15  2GF B H41    1 
HETATM 468 H  H6     . 2GF B 1 3  ? 8.404   0.919   10.271  1.00 38.23 ? 15  2GF B H6     1 
ATOM   469 P  P      . DG  B 1 4  ? 8.670   -4.431  8.924   1.00 41.11 ? 16  DG  B P      1 
ATOM   470 O  OP1    . DG  B 1 4  ? 9.395   -5.712  9.059   1.00 42.96 ? 16  DG  B OP1    1 
ATOM   471 O  OP2    . DG  B 1 4  ? 8.967   -3.518  7.783   1.00 39.29 ? 16  DG  B OP2    1 
ATOM   472 O  "O5'"  . DG  B 1 4  ? 7.099   -4.721  8.969   1.00 36.32 ? 16  DG  B "O5'"  1 
ATOM   473 C  "C5'"  . DG  B 1 4  ? 6.618   -5.852  9.637   1.00 34.86 ? 16  DG  B "C5'"  1 
ATOM   474 C  "C4'"  . DG  B 1 4  ? 5.113   -5.898  9.512   1.00 33.04 ? 16  DG  B "C4'"  1 
ATOM   475 O  "O4'"  . DG  B 1 4  ? 4.571   -4.549  9.600   1.00 35.49 ? 16  DG  B "O4'"  1 
ATOM   476 C  "C3'"  . DG  B 1 4  ? 4.563   -6.473  8.215   1.00 34.22 ? 16  DG  B "C3'"  1 
ATOM   477 O  "O3'"  . DG  B 1 4  ? 3.377   -7.187  8.548   1.00 40.07 ? 16  DG  B "O3'"  1 
ATOM   478 C  "C2'"  . DG  B 1 4  ? 4.311   -5.230  7.382   1.00 32.89 ? 16  DG  B "C2'"  1 
ATOM   479 C  "C1'"  . DG  B 1 4  ? 3.890   -4.207  8.414   1.00 30.64 ? 16  DG  B "C1'"  1 
ATOM   480 N  N9     . DG  B 1 4  ? 4.223   -2.836  8.041   1.00 34.48 ? 16  DG  B N9     1 
ATOM   481 C  C8     . DG  B 1 4  ? 5.376   -2.363  7.479   1.00 33.79 ? 16  DG  B C8     1 
ATOM   482 N  N7     . DG  B 1 4  ? 5.351   -1.069  7.262   1.00 34.81 ? 16  DG  B N7     1 
ATOM   483 C  C5     . DG  B 1 4  ? 4.101   -0.673  7.696   1.00 28.85 ? 16  DG  B C5     1 
ATOM   484 C  C6     . DG  B 1 4  ? 3.486   0.596   7.716   1.00 28.52 ? 16  DG  B C6     1 
ATOM   485 O  O6     . DG  B 1 4  ? 3.907   1.692   7.345   1.00 26.10 ? 16  DG  B O6     1 
ATOM   486 N  N1     . DG  B 1 4  ? 2.221   0.541   8.250   1.00 26.18 ? 16  DG  B N1     1 
ATOM   487 C  C2     . DG  B 1 4  ? 1.592   -0.582  8.688   1.00 29.84 ? 16  DG  B C2     1 
ATOM   488 N  N2     . DG  B 1 4  ? 0.344   -0.407  9.161   1.00 31.16 ? 16  DG  B N2     1 
ATOM   489 N  N3     . DG  B 1 4  ? 2.150   -1.776  8.688   1.00 30.52 ? 16  DG  B N3     1 
ATOM   490 C  C4     . DG  B 1 4  ? 3.403   -1.743  8.180   1.00 30.02 ? 16  DG  B C4     1 
ATOM   491 H  "H5'"  . DG  B 1 4  ? 6.867   -5.803  10.584  1.00 41.83 ? 16  DG  B "H5'"  1 
ATOM   492 H  "H5''" . DG  B 1 4  ? 7.005   -6.658  9.237   1.00 41.83 ? 16  DG  B "H5''" 1 
ATOM   493 H  "H4'"  . DG  B 1 4  ? 4.758   -6.425  10.258  1.00 39.65 ? 16  DG  B "H4'"  1 
ATOM   494 H  "H3'"  . DG  B 1 4  ? 5.221   -7.059  7.785   1.00 41.06 ? 16  DG  B "H3'"  1 
ATOM   495 H  "H2'"  . DG  B 1 4  ? 5.131   -4.947  6.928   1.00 39.47 ? 16  DG  B "H2'"  1 
ATOM   496 H  "H2''" . DG  B 1 4  ? 3.591   -5.388  6.736   1.00 39.47 ? 16  DG  B "H2''" 1 
ATOM   497 H  "H1'"  . DG  B 1 4  ? 2.924   -4.276  8.564   1.00 36.77 ? 16  DG  B "H1'"  1 
ATOM   498 H  H8     . DG  B 1 4  ? 6.148   -2.930  7.274   1.00 40.55 ? 16  DG  B H8     1 
ATOM   499 H  H1     . DG  B 1 4  ? 1.718   1.381   8.291   1.00 31.42 ? 16  DG  B H1     1 
ATOM   500 H  H21    . DG  B 1 4  ? -0.061  0.485   9.156   1.00 37.39 ? 16  DG  B H21    1 
ATOM   501 H  H22    . DG  B 1 4  ? -0.160  -1.172  9.510   1.00 37.39 ? 16  DG  B H22    1 
ATOM   502 P  P      . DA  B 1 5  ? 2.346   -7.688  7.418   1.00 40.49 ? 17  DA  B P      1 
ATOM   503 O  OP1    . DA  B 1 5  ? 1.762   -8.934  7.946   1.00 45.41 ? 17  DA  B OP1    1 
ATOM   504 O  OP2    . DA  B 1 5  ? 3.021   -7.695  6.098   1.00 40.34 ? 17  DA  B OP2    1 
ATOM   505 O  "O5'"  . DA  B 1 5  ? 1.196   -6.582  7.452   1.00 38.02 ? 17  DA  B "O5'"  1 
ATOM   506 C  "C5'"  . DA  B 1 5  ? 0.575   -6.300  8.701   1.00 33.23 ? 17  DA  B "C5'"  1 
ATOM   507 C  "C4'"  . DA  B 1 5  ? -0.694  -5.484  8.587   1.00 33.89 ? 17  DA  B "C4'"  1 
ATOM   508 O  "O4'"  . DA  B 1 5  ? -0.456  -4.106  8.184   1.00 33.89 ? 17  DA  B "O4'"  1 
ATOM   509 C  "C3'"  . DA  B 1 5  ? -1.675  -5.971  7.549   1.00 38.69 ? 17  DA  B "C3'"  1 
ATOM   510 O  "O3'"  . DA  B 1 5  ? -2.948  -5.520  7.954   1.00 42.91 ? 17  DA  B "O3'"  1 
ATOM   511 C  "C2'"  . DA  B 1 5  ? -1.196  -5.270  6.291   1.00 36.17 ? 17  DA  B "C2'"  1 
ATOM   512 C  "C1'"  . DA  B 1 5  ? -0.860  -3.888  6.840   1.00 35.69 ? 17  DA  B "C1'"  1 
ATOM   513 N  N9     . DA  B 1 5  ? 0.254   -3.206  6.187   1.00 31.02 ? 17  DA  B N9     1 
ATOM   514 C  C8     . DA  B 1 5  ? 1.475   -3.731  5.853   1.00 31.21 ? 17  DA  B C8     1 
ATOM   515 N  N7     . DA  B 1 5  ? 2.296   -2.869  5.315   1.00 28.06 ? 17  DA  B N7     1 
ATOM   516 C  C5     . DA  B 1 5  ? 1.575   -1.704  5.306   1.00 25.16 ? 17  DA  B C5     1 
ATOM   517 C  C6     . DA  B 1 5  ? 1.895   -0.422  4.869   1.00 27.97 ? 17  DA  B C6     1 
ATOM   518 N  N6     . DA  B 1 5  ? 3.077   -0.104  4.321   1.00 30.79 ? 17  DA  B N6     1 
ATOM   519 N  N1     . DA  B 1 5  ? 0.951   0.513   5.008   1.00 24.83 ? 17  DA  B N1     1 
ATOM   520 C  C2     . DA  B 1 5  ? -0.219  0.193   5.573   1.00 31.33 ? 17  DA  B C2     1 
ATOM   521 N  N3     . DA  B 1 5  ? -0.639  -0.986  6.018   1.00 28.46 ? 17  DA  B N3     1 
ATOM   522 C  C4     . DA  B 1 5  ? 0.322   -1.889  5.857   1.00 27.96 ? 17  DA  B C4     1 
ATOM   523 H  "H5'"  . DA  B 1 5  ? 1.212   -5.811  9.263   1.00 39.88 ? 17  DA  B "H5'"  1 
ATOM   524 H  "H5''" . DA  B 1 5  ? 0.359   -7.150  9.141   1.00 39.88 ? 17  DA  B "H5''" 1 
ATOM   525 H  "H4'"  . DA  B 1 5  ? -1.140  -5.479  9.459   1.00 40.67 ? 17  DA  B "H4'"  1 
ATOM   526 H  "H3'"  . DA  B 1 5  ? -1.645  -6.945  7.456   1.00 46.43 ? 17  DA  B "H3'"  1 
ATOM   527 H  "H2'"  . DA  B 1 5  ? -0.399  -5.707  5.927   1.00 43.40 ? 17  DA  B "H2'"  1 
ATOM   528 H  "H2''" . DA  B 1 5  ? -1.911  -5.219  5.624   1.00 43.40 ? 17  DA  B "H2''" 1 
ATOM   529 H  "H1'"  . DA  B 1 5  ? -1.657  -3.318  6.821   1.00 42.82 ? 17  DA  B "H1'"  1 
ATOM   530 H  H8     . DA  B 1 5  ? 1.706   -4.675  5.990   1.00 37.45 ? 17  DA  B H8     1 
ATOM   531 H  H61    . DA  B 1 5  ? 3.248   0.813   4.022   1.00 36.95 ? 17  DA  B H61    1 
ATOM   532 H  H62    . DA  B 1 5  ? 3.771   -0.790  4.219   1.00 36.95 ? 17  DA  B H62    1 
ATOM   533 H  H2     . DA  B 1 5  ? -0.868  0.925   5.643   1.00 37.60 ? 17  DA  B H2     1 
ATOM   534 P  P      . DA  B 1 6  ? -4.252  -5.954  7.127   1.00 43.83 ? 18  DA  B P      1 
ATOM   535 O  OP1    . DA  B 1 6  ? -5.334  -6.175  8.105   1.00 41.32 ? 18  DA  B OP1    1 
ATOM   536 O  OP2    . DA  B 1 6  ? -3.815  -6.957  6.131   1.00 41.45 ? 18  DA  B OP2    1 
ATOM   537 O  "O5'"  . DA  B 1 6  ? -4.616  -4.648  6.277   1.00 40.12 ? 18  DA  B "O5'"  1 
ATOM   538 C  "C5'"  . DA  B 1 6  ? -4.958  -3.436  6.975   1.00 37.16 ? 18  DA  B "C5'"  1 
ATOM   539 C  "C4'"  . DA  B 1 6  ? -5.125  -2.320  5.964   1.00 37.88 ? 18  DA  B "C4'"  1 
ATOM   540 O  "O4'"  . DA  B 1 6  ? -3.843  -1.933  5.431   1.00 33.61 ? 18  DA  B "O4'"  1 
ATOM   541 C  "C3'"  . DA  B 1 6  ? -5.988  -2.701  4.758   1.00 34.75 ? 18  DA  B "C3'"  1 
ATOM   542 O  "O3'"  . DA  B 1 6  ? -7.090  -1.808  4.745   1.00 43.41 ? 18  DA  B "O3'"  1 
ATOM   543 C  "C2'"  . DA  B 1 6  ? -5.075  -2.594  3.524   1.00 34.54 ? 18  DA  B "C2'"  1 
ATOM   544 C  "C1'"  . DA  B 1 6  ? -3.967  -1.685  4.029   1.00 34.23 ? 18  DA  B "C1'"  1 
ATOM   545 N  N9     . DA  B 1 6  ? -2.654  -1.891  3.425   1.00 32.58 ? 18  DA  B N9     1 
ATOM   546 C  C8     . DA  B 1 6  ? -1.931  -3.041  3.289   1.00 31.14 ? 18  DA  B C8     1 
ATOM   547 N  N7     . DA  B 1 6  ? -0.761  -2.869  2.722   1.00 30.44 ? 18  DA  B N7     1 
ATOM   548 C  C5     . DA  B 1 6  ? -0.712  -1.509  2.493   1.00 29.33 ? 18  DA  B C5     1 
ATOM   549 C  C6     . DA  B 1 6  ? 0.246   -0.675  1.911   1.00 26.46 ? 18  DA  B C6     1 
ATOM   550 N  N6     . DA  B 1 6  ? 1.412   -1.082  1.456   1.00 28.21 ? 18  DA  B N6     1 
ATOM   551 N  N1     . DA  B 1 6  ? -0.039  0.624   1.818   1.00 25.96 ? 18  DA  B N1     1 
ATOM   552 C  C2     . DA  B 1 6  ? -1.204  1.085   2.294   1.00 31.49 ? 18  DA  B C2     1 
ATOM   553 N  N3     . DA  B 1 6  ? -2.194  0.408   2.856   1.00 30.79 ? 18  DA  B N3     1 
ATOM   554 C  C4     . DA  B 1 6  ? -1.877  -0.896  2.904   1.00 31.14 ? 18  DA  B C4     1 
ATOM   555 H  "H5'"  . DA  B 1 6  ? -4.242  -3.206  7.604   1.00 44.60 ? 18  DA  B "H5'"  1 
ATOM   556 H  "H5''" . DA  B 1 6  ? -5.797  -3.564  7.464   1.00 44.60 ? 18  DA  B "H5''" 1 
ATOM   557 H  "H4'"  . DA  B 1 6  ? -5.529  -1.547  6.410   1.00 45.46 ? 18  DA  B "H4'"  1 
ATOM   558 H  "H3'"  . DA  B 1 6  ? -6.307  -3.622  4.856   1.00 41.70 ? 18  DA  B "H3'"  1 
ATOM   559 H  "H2'"  . DA  B 1 6  ? -4.719  -3.472  3.276   1.00 41.45 ? 18  DA  B "H2'"  1 
ATOM   560 H  "H2''" . DA  B 1 6  ? -5.550  -2.180  2.773   1.00 41.45 ? 18  DA  B "H2''" 1 
ATOM   561 H  "H1'"  . DA  B 1 6  ? -4.236  -0.753  3.894   1.00 41.07 ? 18  DA  B "H1'"  1 
ATOM   562 H  H8     . DA  B 1 6  ? -2.258  -3.915  3.586   1.00 37.37 ? 18  DA  B H8     1 
ATOM   563 H  H61    . DA  B 1 6  ? 2.038   -0.437  1.066   1.00 33.85 ? 18  DA  B H61    1 
ATOM   564 H  H62    . DA  B 1 6  ? 1.654   -2.030  1.509   1.00 33.85 ? 18  DA  B H62    1 
ATOM   565 H  H2     . DA  B 1 6  ? -1.349  2.050   2.201   1.00 37.79 ? 18  DA  B H2     1 
ATOM   566 P  P      . DT  B 1 7  ? -8.182  -1.846  3.555   1.00 41.81 ? 19  DT  B P      1 
ATOM   567 O  OP1    . DT  B 1 7  ? -9.441  -1.396  4.176   1.00 39.64 ? 19  DT  B OP1    1 
ATOM   568 O  OP2    . DT  B 1 7  ? -8.087  -3.129  2.799   1.00 43.20 ? 19  DT  B OP2    1 
ATOM   569 O  "O5'"  . DT  B 1 7  ? -7.700  -0.679  2.590   1.00 38.32 ? 19  DT  B "O5'"  1 
ATOM   570 C  "C5'"  . DT  B 1 7  ? -7.269  0.533   3.171   1.00 41.62 ? 19  DT  B "C5'"  1 
ATOM   571 C  "C4'"  . DT  B 1 7  ? -6.570  1.388   2.122   1.00 39.63 ? 19  DT  B "C4'"  1 
ATOM   572 O  "O4'"  . DT  B 1 7  ? -5.304  0.798   1.762   1.00 37.56 ? 19  DT  B "O4'"  1 
ATOM   573 C  "C3'"  . DT  B 1 7  ? -7.345  1.517   0.814   1.00 35.49 ? 19  DT  B "C3'"  1 
ATOM   574 O  "O3'"  . DT  B 1 7  ? -7.640  2.891   0.650   1.00 40.40 ? 19  DT  B "O3'"  1 
ATOM   575 C  "C2'"  . DT  B 1 7  ? -6.428  0.925   -0.254  1.00 39.89 ? 19  DT  B "C2'"  1 
ATOM   576 C  "C1'"  . DT  B 1 7  ? -5.070  1.065   0.404   1.00 34.22 ? 19  DT  B "C1'"  1 
ATOM   577 N  N1     . DT  B 1 7  ? -4.019  0.105   0.035   1.00 32.69 ? 19  DT  B N1     1 
ATOM   578 C  C2     . DT  B 1 7  ? -2.860  0.614   -0.493  1.00 29.37 ? 19  DT  B C2     1 
ATOM   579 O  O2     . DT  B 1 7  ? -2.655  1.788   -0.717  1.00 31.47 ? 19  DT  B O2     1 
ATOM   580 N  N3     . DT  B 1 7  ? -1.922  -0.313  -0.771  1.00 28.41 ? 19  DT  B N3     1 
ATOM   581 C  C4     . DT  B 1 7  ? -1.965  -1.660  -0.593  1.00 27.72 ? 19  DT  B C4     1 
ATOM   582 O  O4     . DT  B 1 7  ? -0.993  -2.345  -0.926  1.00 27.84 ? 19  DT  B O4     1 
ATOM   583 C  C5     . DT  B 1 7  ? -3.206  -2.147  -0.019  1.00 26.61 ? 19  DT  B C5     1 
ATOM   584 C  C7     . DT  B 1 7  ? -3.395  -3.605  0.230   1.00 32.46 ? 19  DT  B C7     1 
ATOM   585 C  C6     . DT  B 1 7  ? -4.165  -1.247  0.270   1.00 32.35 ? 19  DT  B C6     1 
ATOM   586 H  "H5'"  . DT  B 1 7  ? -6.645  0.340   3.902   1.00 49.94 ? 19  DT  B "H5'"  1 
ATOM   587 H  "H5''" . DT  B 1 7  ? -8.043  1.019   3.525   1.00 49.94 ? 19  DT  B "H5''" 1 
ATOM   588 H  "H4'"  . DT  B 1 7  ? -6.413  2.282   2.490   1.00 47.56 ? 19  DT  B "H4'"  1 
ATOM   589 H  "H3'"  . DT  B 1 7  ? -8.175  0.999   0.866   1.00 42.59 ? 19  DT  B "H3'"  1 
ATOM   590 H  "H2'"  . DT  B 1 7  ? -6.642  -0.017  -0.418  1.00 47.87 ? 19  DT  B "H2'"  1 
ATOM   591 H  "H2''" . DT  B 1 7  ? -6.471  1.448   -1.082  1.00 47.87 ? 19  DT  B "H2''" 1 
ATOM   592 H  "H1'"  . DT  B 1 7  ? -4.738  1.981   0.298   1.00 41.07 ? 19  DT  B "H1'"  1 
ATOM   593 H  H3     . DT  B 1 7  ? -1.094  0.032   -1.164  1.00 34.09 ? 19  DT  B H3     1 
ATOM   594 H  H71    . DT  B 1 7  ? -3.554  -3.754  1.186   1.00 38.95 ? 19  DT  B H71    1 
ATOM   595 H  H72    . DT  B 1 7  ? -4.164  -3.928  -0.284  1.00 38.95 ? 19  DT  B H72    1 
ATOM   596 H  H73    . DT  B 1 7  ? -2.590  -4.089  -0.046  1.00 38.95 ? 19  DT  B H73    1 
ATOM   597 H  H6     . DT  B 1 7  ? -5.002  -1.566  0.665   1.00 38.82 ? 19  DT  B H6     1 
ATOM   598 P  P      . DT  B 1 8  ? -8.470  3.414   -0.626  1.00 44.60 ? 20  DT  B P      1 
ATOM   599 O  OP1    . DT  B 1 8  ? -9.072  4.675   -0.132  1.00 39.33 ? 20  DT  B OP1    1 
ATOM   600 O  OP2    . DT  B 1 8  ? -9.239  2.287   -1.225  1.00 40.75 ? 20  DT  B OP2    1 
ATOM   601 O  "O5'"  . DT  B 1 8  ? -7.352  3.785   -1.704  1.00 37.44 ? 20  DT  B "O5'"  1 
ATOM   602 C  "C5'"  . DT  B 1 8  ? -6.419  4.802   -1.346  1.00 41.02 ? 20  DT  B "C5'"  1 
ATOM   603 C  "C4'"  . DT  B 1 8  ? -5.351  4.906   -2.403  1.00 34.21 ? 20  DT  B "C4'"  1 
ATOM   604 O  "O4'"  . DT  B 1 8  ? -4.629  3.664   -2.494  1.00 33.02 ? 20  DT  B "O4'"  1 
ATOM   605 C  "C3'"  . DT  B 1 8  ? -5.921  5.156   -3.787  1.00 40.50 ? 20  DT  B "C3'"  1 
ATOM   606 O  "O3'"  . DT  B 1 8  ? -5.343  6.369   -4.221  1.00 43.77 ? 20  DT  B "O3'"  1 
ATOM   607 C  "C2'"  . DT  B 1 8  ? -5.531  3.925   -4.608  1.00 38.12 ? 20  DT  B "C2'"  1 
ATOM   608 C  "C1'"  . DT  B 1 8  ? -4.303  3.434   -3.851  1.00 35.95 ? 20  DT  B "C1'"  1 
ATOM   609 N  N1     . DT  B 1 8  ? -3.907  2.000   -3.901  1.00 30.30 ? 20  DT  B N1     1 
ATOM   610 C  C2     . DT  B 1 8  ? -2.621  1.692   -4.290  1.00 31.51 ? 20  DT  B C2     1 
ATOM   611 O  O2     . DT  B 1 8  ? -1.787  2.523   -4.653  1.00 30.06 ? 20  DT  B O2     1 
ATOM   612 N  N3     . DT  B 1 8  ? -2.354  0.344   -4.263  1.00 29.45 ? 20  DT  B N3     1 
ATOM   613 C  C4     . DT  B 1 8  ? -3.181  -0.705  -3.895  1.00 31.49 ? 20  DT  B C4     1 
ATOM   614 O  O4     . DT  B 1 8  ? -2.794  -1.882  -3.919  1.00 35.06 ? 20  DT  B O4     1 
ATOM   615 C  C5     . DT  B 1 8  ? -4.509  -0.300  -3.503  1.00 31.76 ? 20  DT  B C5     1 
ATOM   616 C  C7     . DT  B 1 8  ? -5.530  -1.331  -3.093  1.00 32.80 ? 20  DT  B C7     1 
ATOM   617 C  C6     . DT  B 1 8  ? -4.798  1.015   -3.522  1.00 31.96 ? 20  DT  B C6     1 
ATOM   618 H  "H5'"  . DT  B 1 8  ? -6.005  4.576   -0.486  1.00 49.22 ? 20  DT  B "H5'"  1 
ATOM   619 H  "H5''" . DT  B 1 8  ? -6.885  5.660   -1.268  1.00 49.22 ? 20  DT  B "H5''" 1 
ATOM   620 H  "H4'"  . DT  B 1 8  ? -4.731  5.628   -2.170  1.00 41.05 ? 20  DT  B "H4'"  1 
ATOM   621 H  "H3'"  . DT  B 1 8  ? -6.896  5.241   -3.742  1.00 48.60 ? 20  DT  B "H3'"  1 
ATOM   622 H  "H2'"  . DT  B 1 8  ? -6.244  3.252   -4.594  1.00 45.75 ? 20  DT  B "H2'"  1 
ATOM   623 H  "H2''" . DT  B 1 8  ? -5.298  4.175   -5.527  1.00 45.75 ? 20  DT  B "H2''" 1 
ATOM   624 H  "H1'"  . DT  B 1 8  ? -3.531  3.988   -4.095  1.00 43.14 ? 20  DT  B "H1'"  1 
ATOM   625 H  H3     . DT  B 1 8  ? -1.449  0.090   -4.541  1.00 35.34 ? 20  DT  B H3     1 
ATOM   626 H  H71    . DT  B 1 8  ? -6.303  -1.282  -3.691  1.00 39.35 ? 20  DT  B H71    1 
ATOM   627 H  H72    . DT  B 1 8  ? -5.130  -2.225  -3.146  1.00 39.35 ? 20  DT  B H72    1 
ATOM   628 H  H73    . DT  B 1 8  ? -5.817  -1.158  -2.172  1.00 39.35 ? 20  DT  B H73    1 
ATOM   629 H  H6     . DT  B 1 8  ? -5.695  1.292   -3.242  1.00 38.35 ? 20  DT  B H6     1 
ATOM   630 P  P      . DC  B 1 9  ? -5.836  7.061   -5.579  1.00 47.05 ? 21  DC  B P      1 
ATOM   631 O  OP1    . DC  B 1 9  ? -5.743  8.519   -5.347  1.00 44.67 ? 21  DC  B OP1    1 
ATOM   632 O  OP2    . DC  B 1 9  ? -7.099  6.424   -5.990  1.00 52.91 ? 21  DC  B OP2    1 
ATOM   633 O  "O5'"  . DC  B 1 9  ? -4.772  6.550   -6.640  1.00 41.17 ? 21  DC  B "O5'"  1 
ATOM   634 C  "C5'"  . DC  B 1 9  ? -3.397  6.715   -6.330  1.00 41.82 ? 21  DC  B "C5'"  1 
ATOM   635 C  "C4'"  . DC  B 1 9  ? -2.539  6.128   -7.427  1.00 37.24 ? 21  DC  B "C4'"  1 
ATOM   636 O  "O4'"  . DC  B 1 9  ? -2.464  4.703   -7.268  1.00 37.28 ? 21  DC  B "O4'"  1 
ATOM   637 C  "C3'"  . DC  B 1 9  ? -3.084  6.358   -8.824  1.00 38.34 ? 21  DC  B "C3'"  1 
ATOM   638 O  "O3'"  . DC  B 1 9  ? -2.094  7.030   -9.575  1.00 41.15 ? 21  DC  B "O3'"  1 
ATOM   639 C  "C2'"  . DC  B 1 9  ? -3.438  4.970   -9.363  1.00 35.88 ? 21  DC  B "C2'"  1 
ATOM   640 C  "C1'"  . DC  B 1 9  ? -2.541  4.066   -8.530  1.00 36.55 ? 21  DC  B "C1'"  1 
ATOM   641 N  N1     . DC  B 1 9  ? -2.997  2.688   -8.168  1.00 31.43 ? 21  DC  B N1     1 
ATOM   642 C  C2     . DC  B 1 9  ? -2.068  1.646   -8.229  1.00 30.12 ? 21  DC  B C2     1 
ATOM   643 O  O2     . DC  B 1 9  ? -0.908  1.869   -8.628  1.00 31.43 ? 21  DC  B O2     1 
ATOM   644 N  N3     . DC  B 1 9  ? -2.462  0.404   -7.864  1.00 30.09 ? 21  DC  B N3     1 
ATOM   645 C  C4     . DC  B 1 9  ? -3.701  0.204   -7.434  1.00 32.46 ? 21  DC  B C4     1 
ATOM   646 N  N4     . DC  B 1 9  ? -4.007  -1.044  -7.092  1.00 33.12 ? 21  DC  B N4     1 
ATOM   647 C  C5     . DC  B 1 9  ? -4.667  1.250   -7.358  1.00 31.74 ? 21  DC  B C5     1 
ATOM   648 C  C6     . DC  B 1 9  ? -4.271  2.474   -7.726  1.00 33.57 ? 21  DC  B C6     1 
ATOM   649 H  "H5'"  . DC  B 1 9  ? -3.198  6.261   -5.484  1.00 50.18 ? 21  DC  B "H5'"  1 
ATOM   650 H  "H5''" . DC  B 1 9  ? -3.197  7.670   -6.239  1.00 50.18 ? 21  DC  B "H5''" 1 
ATOM   651 H  "H4'"  . DC  B 1 9  ? -1.636  6.505   -7.368  1.00 44.69 ? 21  DC  B "H4'"  1 
ATOM   652 H  "H3'"  . DC  B 1 9  ? -3.893  6.910   -8.776  1.00 46.00 ? 21  DC  B "H3'"  1 
ATOM   653 H  "H2'"  . DC  B 1 9  ? -4.383  4.765   -9.205  1.00 43.06 ? 21  DC  B "H2'"  1 
ATOM   654 H  "H2''" . DC  B 1 9  ? -3.216  4.898   -10.315 1.00 43.06 ? 21  DC  B "H2''" 1 
ATOM   655 H  "H1'"  . DC  B 1 9  ? -1.648  4.024   -8.931  1.00 43.86 ? 21  DC  B "H1'"  1 
ATOM   656 H  H41    . DC  B 1 9  ? -4.907  -1.257  -6.766  1.00 39.75 ? 21  DC  B H41    1 
ATOM   657 H  H42    . DC  B 1 9  ? -3.333  -1.752  -7.166  1.00 39.75 ? 21  DC  B H42    1 
ATOM   658 H  H5     . DC  B 1 9  ? -5.579  1.083   -7.041  1.00 38.08 ? 21  DC  B H5     1 
ATOM   659 H  H6     . DC  B 1 9  ? -4.899  3.223   -7.671  1.00 40.29 ? 21  DC  B H6     1 
ATOM   660 P  P      . DG  B 1 10 ? -2.444  7.615   -11.029 1.00 47.06 ? 22  DG  B P      1 
ATOM   661 O  OP1    . DG  B 1 10 ? -1.544  8.792   -11.121 1.00 43.77 ? 22  DG  B OP1    1 
ATOM   662 O  OP2    . DG  B 1 10 ? -3.907  7.746   -11.212 1.00 41.04 ? 22  DG  B OP2    1 
ATOM   663 O  "O5'"  . DG  B 1 10 ? -2.016  6.432   -12.013 1.00 37.45 ? 22  DG  B "O5'"  1 
ATOM   664 C  "C5'"  . DG  B 1 10 ? -0.654  6.007   -11.995 1.00 42.16 ? 22  DG  B "C5'"  1 
ATOM   665 C  "C4'"  . DG  B 1 10 ? -0.460  4.783   -12.881 1.00 41.59 ? 22  DG  B "C4'"  1 
ATOM   666 O  "O4'"  . DG  B 1 10 ? -0.977  3.572   -12.243 1.00 31.90 ? 22  DG  B "O4'"  1 
ATOM   667 C  "C3'"  . DG  B 1 10 ? -1.205  4.891   -14.193 1.00 38.38 ? 22  DG  B "C3'"  1 
ATOM   668 O  "O3'"  . DG  B 1 10 ? -0.470  4.228   -15.177 1.00 39.77 ? 22  DG  B "O3'"  1 
ATOM   669 C  "C2'"  . DG  B 1 10 ? -2.504  4.171   -13.839 1.00 35.74 ? 22  DG  B "C2'"  1 
ATOM   670 C  "C1'"  . DG  B 1 10 ? -1.898  2.980   -13.125 1.00 36.21 ? 22  DG  B "C1'"  1 
ATOM   671 N  N9     . DG  B 1 10 ? -2.806  2.137   -12.373 1.00 32.21 ? 22  DG  B N9     1 
ATOM   672 C  C8     . DG  B 1 10 ? -4.047  2.450   -11.881 1.00 33.21 ? 22  DG  B C8     1 
ATOM   673 N  N7     . DG  B 1 10 ? -4.600  1.457   -11.243 1.00 31.56 ? 22  DG  B N7     1 
ATOM   674 C  C5     . DG  B 1 10 ? -3.662  0.436   -11.319 1.00 29.65 ? 22  DG  B C5     1 
ATOM   675 C  C6     . DG  B 1 10 ? -3.708  -0.870  -10.807 1.00 30.96 ? 22  DG  B C6     1 
ATOM   676 O  O6     . DG  B 1 10 ? -4.617  -1.408  -10.163 1.00 31.28 ? 22  DG  B O6     1 
ATOM   677 N  N1     . DG  B 1 10 ? -2.545  -1.572  -11.117 1.00 29.47 ? 22  DG  B N1     1 
ATOM   678 C  C2     . DG  B 1 10 ? -1.478  -1.078  -11.813 1.00 31.86 ? 22  DG  B C2     1 
ATOM   679 N  N2     . DG  B 1 10 ? -0.455  -1.922  -12.004 1.00 29.18 ? 22  DG  B N2     1 
ATOM   680 N  N3     . DG  B 1 10 ? -1.423  0.156   -12.299 1.00 30.21 ? 22  DG  B N3     1 
ATOM   681 C  C4     . DG  B 1 10 ? -2.551  0.839   -12.008 1.00 27.12 ? 22  DG  B C4     1 
ATOM   682 H  "H5'"  . DG  B 1 10 ? -0.397  5.785   -11.076 1.00 50.59 ? 22  DG  B "H5'"  1 
ATOM   683 H  "H5''" . DG  B 1 10 ? -0.085  6.735   -12.321 1.00 50.59 ? 22  DG  B "H5''" 1 
ATOM   684 H  "H4'"  . DG  B 1 10 ? 0.495   4.667   -13.063 1.00 49.90 ? 22  DG  B "H4'"  1 
ATOM   685 H  "H3'"  . DG  B 1 10 ? -1.368  5.827   -14.433 1.00 46.06 ? 22  DG  B "H3'"  1 
ATOM   686 H  "H2'"  . DG  B 1 10 ? -3.060  4.707   -13.236 1.00 42.89 ? 22  DG  B "H2'"  1 
ATOM   687 H  "H2''" . DG  B 1 10 ? -2.995  3.898   -14.643 1.00 42.89 ? 22  DG  B "H2''" 1 
ATOM   688 H  "H1'"  . DG  B 1 10 ? -1.413  2.430   -13.774 1.00 43.45 ? 22  DG  B "H1'"  1 
ATOM   689 H  H8     . DG  B 1 10 ? -4.473  3.323   -12.000 1.00 39.86 ? 22  DG  B H8     1 
ATOM   690 H  H1     . DG  B 1 10 ? -2.482  -2.497  -10.798 1.00 35.36 ? 22  DG  B H1     1 
ATOM   691 H  H21    . DG  B 1 10 ? 0.334   -1.629  -12.505 1.00 35.02 ? 22  DG  B H21    1 
ATOM   692 H  H22    . DG  B 1 10 ? -0.499  -2.832  -11.644 1.00 35.02 ? 22  DG  B H22    1 
ATOM   693 P  P      . DC  B 1 11 ? -0.458  4.745   -16.702 1.00 49.19 ? 23  DC  B P      1 
ATOM   694 O  OP1    . DC  B 1 11 ? 0.395   5.946   -16.706 1.00 50.84 ? 23  DC  B OP1    1 
ATOM   695 O  OP2    . DC  B 1 11 ? -1.818  4.783   -17.277 1.00 42.34 ? 23  DC  B OP2    1 
ATOM   696 O  "O5'"  . DC  B 1 11 ? 0.340   3.596   -17.462 1.00 44.94 ? 23  DC  B "O5'"  1 
ATOM   697 C  "C5'"  . DC  B 1 11 ? 1.575   3.174   -16.892 1.00 41.20 ? 23  DC  B "C5'"  1 
ATOM   698 C  "C4'"  . DC  B 1 11 ? 1.726   1.670   -16.983 1.00 35.33 ? 23  DC  B "C4'"  1 
ATOM   699 O  "O4'"  . DC  B 1 11 ? 0.916   1.076   -15.953 1.00 36.94 ? 23  DC  B "O4'"  1 
ATOM   700 C  "C3'"  . DC  B 1 11 ? 1.240   1.100   -18.297 1.00 37.71 ? 23  DC  B "C3'"  1 
ATOM   701 O  "O3'"  . DC  B 1 11 ? 2.294   0.721   -19.163 1.00 38.33 ? 23  DC  B "O3'"  1 
ATOM   702 C  "C2'"  . DC  B 1 11 ? 0.456   -0.141  -17.920 1.00 36.84 ? 23  DC  B "C2'"  1 
ATOM   703 C  "C1'"  . DC  B 1 11 ? 0.333   -0.106  -16.419 1.00 35.48 ? 23  DC  B "C1'"  1 
ATOM   704 N  N1     . DC  B 1 11 ? -1.061  -0.131  -15.984 1.00 29.27 ? 23  DC  B N1     1 
ATOM   705 C  C2     . DC  B 1 11 ? -1.511  -1.324  -15.468 1.00 33.18 ? 23  DC  B C2     1 
ATOM   706 O  O2     . DC  B 1 11 ? -0.701  -2.255  -15.428 1.00 31.10 ? 23  DC  B O2     1 
ATOM   707 N  N3     . DC  B 1 11 ? -2.792  -1.398  -15.042 1.00 32.56 ? 23  DC  B N3     1 
ATOM   708 C  C4     . DC  B 1 11 ? -3.591  -0.340  -15.128 1.00 31.80 ? 23  DC  B C4     1 
ATOM   709 N  N4     . DC  B 1 11 ? -4.844  -0.468  -14.699 1.00 34.46 ? 23  DC  B N4     1 
ATOM   710 C  C5     . DC  B 1 11 ? -3.137  0.894   -15.667 1.00 32.34 ? 23  DC  B C5     1 
ATOM   711 C  C6     . DC  B 1 11 ? -1.871  0.947   -16.087 1.00 30.73 ? 23  DC  B C6     1 
ATOM   712 H  "H5'"  . DC  B 1 11 ? 1.605   3.445   -15.950 1.00 49.44 ? 23  DC  B "H5'"  1 
ATOM   713 H  "H5''" . DC  B 1 11 ? 2.314   3.602   -17.372 1.00 49.44 ? 23  DC  B "H5''" 1 
ATOM   714 H  "H4'"  . DC  B 1 11 ? 2.664   1.424   -16.845 1.00 42.40 ? 23  DC  B "H4'"  1 
ATOM   715 H  "H3'"  . DC  B 1 11 ? 0.653   1.743   -18.746 1.00 45.25 ? 23  DC  B "H3'"  1 
ATOM   716 H  "H2'"  . DC  B 1 11 ? -0.433  -0.119  -18.332 1.00 44.20 ? 23  DC  B "H2'"  1 
ATOM   717 H  "H2''" . DC  B 1 11 ? 0.940   -0.946  -18.200 1.00 44.20 ? 23  DC  B "H2''" 1 
ATOM   718 H  "H1'"  . DC  B 1 11 ? 0.805   -0.875  -16.036 1.00 42.58 ? 23  DC  B "H1'"  1 
ATOM   719 H  H41    . DC  B 1 11 ? -5.460  0.293   -14.748 1.00 41.36 ? 23  DC  B H41    1 
ATOM   720 H  H42    . DC  B 1 11 ? -5.152  -1.324  -14.334 1.00 41.36 ? 23  DC  B H42    1 
ATOM   721 H  H5     . DC  B 1 11 ? -3.729  1.672   -15.730 1.00 38.80 ? 23  DC  B H5     1 
ATOM   722 H  H6     . DC  B 1 11 ? -1.518  1.785   -16.453 1.00 36.87 ? 23  DC  B H6     1 
ATOM   723 P  P      . DG  B 1 12 ? 1.936   0.265   -20.671 1.00 47.48 ? 24  DG  B P      1 
ATOM   724 O  OP1    . DG  B 1 12 ? 3.202   0.388   -21.429 1.00 43.62 ? 24  DG  B OP1    1 
ATOM   725 O  OP2    . DG  B 1 12 ? 0.682   0.937   -21.091 1.00 39.37 ? 24  DG  B OP2    1 
ATOM   726 O  "O5'"  . DG  B 1 12 ? 1.544   -1.279  -20.535 1.00 36.99 ? 24  DG  B "O5'"  1 
ATOM   727 C  "C5'"  . DG  B 1 12 ? 2.529   -2.195  -20.127 1.00 35.33 ? 24  DG  B "C5'"  1 
ATOM   728 C  "C4'"  . DG  B 1 12 ? 1.853   -3.504  -19.793 1.00 36.69 ? 24  DG  B "C4'"  1 
ATOM   729 O  "O4'"  . DG  B 1 12 ? 0.905   -3.285  -18.735 1.00 34.14 ? 24  DG  B "O4'"  1 
ATOM   730 C  "C3'"  . DG  B 1 12 ? 1.026   -4.065  -20.927 1.00 32.47 ? 24  DG  B "C3'"  1 
ATOM   731 O  "O3'"  . DG  B 1 12 ? 1.883   -4.820  -21.775 1.00 36.34 ? 24  DG  B "O3'"  1 
ATOM   732 C  "C2'"  . DG  B 1 12 ? -0.004  -4.912  -20.208 1.00 31.98 ? 24  DG  B "C2'"  1 
ATOM   733 C  "C1'"  . DG  B 1 12 ? -0.143  -4.225  -18.864 1.00 34.11 ? 24  DG  B "C1'"  1 
ATOM   734 N  N9     . DG  B 1 12 ? -1.356  -3.468  -18.704 1.00 30.75 ? 24  DG  B N9     1 
ATOM   735 C  C8     . DG  B 1 12 ? -1.619  -2.199  -19.145 1.00 32.30 ? 24  DG  B C8     1 
ATOM   736 N  N7     . DG  B 1 12 ? -2.806  -1.778  -18.816 1.00 31.25 ? 24  DG  B N7     1 
ATOM   737 C  C5     . DG  B 1 12 ? -3.356  -2.839  -18.123 1.00 28.96 ? 24  DG  B C5     1 
ATOM   738 C  C6     . DG  B 1 12 ? -4.618  -2.975  -17.532 1.00 32.72 ? 24  DG  B C6     1 
ATOM   739 O  O6     . DG  B 1 12 ? -5.543  -2.152  -17.498 1.00 33.56 ? 24  DG  B O6     1 
ATOM   740 N  N1     . DG  B 1 12 ? -4.745  -4.219  -16.927 1.00 35.17 ? 24  DG  B N1     1 
ATOM   741 C  C2     . DG  B 1 12 ? -3.784  -5.197  -16.916 1.00 30.75 ? 24  DG  B C2     1 
ATOM   742 N  N2     . DG  B 1 12 ? -4.073  -6.341  -16.294 1.00 30.51 ? 24  DG  B N2     1 
ATOM   743 N  N3     . DG  B 1 12 ? -2.591  -5.076  -17.466 1.00 31.73 ? 24  DG  B N3     1 
ATOM   744 C  C4     . DG  B 1 12 ? -2.465  -3.876  -18.044 1.00 31.21 ? 24  DG  B C4     1 
ATOM   745 H  "H5'"  . DG  B 1 12 ? 2.993   -1.850  -19.336 1.00 42.40 ? 24  DG  B "H5'"  1 
ATOM   746 H  "H5''" . DG  B 1 12 ? 3.174   -2.331  -20.853 1.00 42.40 ? 24  DG  B "H5''" 1 
ATOM   747 H  "H4'"  . DG  B 1 12 ? 2.522   -4.163  -19.510 1.00 44.03 ? 24  DG  B "H4'"  1 
ATOM   748 H  "H3'"  . DG  B 1 12 ? 0.591   -3.343  -21.426 1.00 38.96 ? 24  DG  B "H3'"  1 
ATOM   749 H  "HO3'" . DG  B 1 12 ? 1.986   -4.570  -22.716 1.00 43.61 ? 24  DG  B "HO3'" 1 
ATOM   750 H  "H2'"  . DG  B 1 12 ? -0.857  -4.903  -20.691 1.00 38.38 ? 24  DG  B "H2'"  1 
ATOM   751 H  "H2''" . DG  B 1 12 ? 0.322   -5.830  -20.096 1.00 38.38 ? 24  DG  B "H2''" 1 
ATOM   752 H  "H1'"  . DG  B 1 12 ? -0.074  -4.889  -18.147 1.00 40.93 ? 24  DG  B "H1'"  1 
ATOM   753 H  H8     . DG  B 1 12 ? -0.975  -1.657  -19.646 1.00 38.76 ? 24  DG  B H8     1 
ATOM   754 H  H1     . DG  B 1 12 ? -5.596  -4.420  -16.486 1.00 42.20 ? 24  DG  B H1     1 
ATOM   755 H  H21    . DG  B 1 12 ? -3.408  -7.059  -16.256 1.00 36.61 ? 24  DG  B H21    1 
ATOM   756 H  H22    . DG  B 1 12 ? -4.951  -6.462  -15.876 1.00 36.61 ? 24  DG  B H22    1 
HETATM 757 MG MG     . MG  C 2 .  ? -8.806  -1.974  -10.246 1.00 32.63 ? 101 MG  A MG     1 
HETATM 758 O  O      . HOH D 3 .  ? -7.680  -1.709  -11.649 1.00 29.46 ? 201 HOH A O      1 
HETATM 759 O  O      . HOH D 3 .  ? 6.199   6.612   -0.589  1.00 32.41 ? 202 HOH A O      1 
HETATM 760 O  O      . HOH D 3 .  ? -0.044  4.703   -4.228  1.00 31.06 ? 203 HOH A O      1 
HETATM 761 O  O      . HOH D 3 .  ? -1.627  -0.283  11.564  1.00 35.39 ? 204 HOH A O      1 
HETATM 762 O  O      . HOH D 3 .  ? -2.334  2.468   19.367  1.00 40.86 ? 205 HOH A O      1 
HETATM 763 O  O      . HOH D 3 .  ? 4.110   6.793   6.670   1.00 38.60 ? 206 HOH A O      1 
HETATM 764 O  O      . HOH D 3 .  ? 5.740   -1.932  -2.068  1.00 39.62 ? 207 HOH A O      1 
HETATM 765 O  O      . HOH D 3 .  ? 10.256  -3.306  -9.784  1.00 57.04 ? 208 HOH A O      1 
HETATM 766 O  O      . HOH D 3 .  ? 2.299   3.267   -8.002  1.00 40.52 ? 209 HOH A O      1 
HETATM 767 O  O      . HOH D 3 .  ? -9.697  -6.091  -8.924  1.00 34.99 ? 210 HOH A O      1 
HETATM 768 O  O      . HOH D 3 .  ? 2.806   7.272   12.352  1.00 46.69 ? 211 HOH A O      1 
HETATM 769 O  O      . HOH D 3 .  ? -8.295  -3.894  -10.268 1.00 34.29 ? 212 HOH A O      1 
HETATM 770 O  O      . HOH D 3 .  ? -10.470 -2.603  -11.409 1.00 31.91 ? 213 HOH A O      1 
HETATM 771 O  O      . HOH D 3 .  ? -2.861  0.031   7.454   1.00 31.20 ? 214 HOH A O      1 
HETATM 772 O  O      . HOH D 3 .  ? -3.838  -1.301  9.544   1.00 37.58 ? 215 HOH A O      1 
HETATM 773 O  O      . HOH D 3 .  ? 3.964   -2.974  -1.059  1.00 38.84 ? 216 HOH A O      1 
HETATM 774 O  O      . HOH D 3 .  ? 10.428  3.474   -9.323  1.00 39.59 ? 217 HOH A O      1 
HETATM 775 O  O      . HOH D 3 .  ? -6.707  -8.276  -6.459  1.00 52.47 ? 218 HOH A O      1 
HETATM 776 O  O      . HOH D 3 .  ? 6.509   -0.366  1.074   1.00 46.68 ? 219 HOH A O      1 
HETATM 777 O  O      . HOH E 3 .  ? -7.348  -1.563  -9.202  1.00 29.97 ? 101 HOH B O      1 
HETATM 778 O  O      . HOH E 3 .  ? -9.700  -2.328  -8.697  1.00 33.39 ? 102 HOH B O      1 
HETATM 779 O  O      . HOH E 3 .  ? -3.687  2.529   3.944   1.00 33.89 ? 103 HOH B O      1 
HETATM 780 O  O      . HOH E 3 .  ? -3.057  -6.344  3.558   1.00 43.22 ? 104 HOH B O      1 
HETATM 781 O  O      . HOH E 3 .  ? 13.917  -1.190  13.832  1.00 40.09 ? 105 HOH B O      1 
HETATM 782 O  O      . HOH E 3 .  ? -2.599  4.680   -0.145  1.00 34.57 ? 106 HOH B O      1 
HETATM 783 O  O      . HOH E 3 .  ? 5.524   7.160   11.815  1.00 43.33 ? 107 HOH B O      1 
HETATM 784 O  O      . HOH E 3 .  ? -7.187  1.780   -10.087 1.00 37.17 ? 108 HOH B O      1 
HETATM 785 O  O      . HOH E 3 .  ? -2.128  -9.270  5.376   1.00 51.69 ? 109 HOH B O      1 
HETATM 786 O  O      . HOH E 3 .  ? -10.142 -4.398  -6.762  1.00 40.33 ? 110 HOH B O      1 
HETATM 787 O  O      . HOH E 3 .  ? -2.895  0.833   -19.780 1.00 36.62 ? 111 HOH B O      1 
HETATM 788 O  O      . HOH E 3 .  ? -6.322  2.228   -15.244 1.00 42.07 ? 112 HOH B O      1 
HETATM 789 O  O      . HOH E 3 .  ? 0.831   -5.065  2.005   1.00 40.09 ? 113 HOH B O      1 
HETATM 790 O  O      . HOH E 3 .  ? 1.510   5.486   -14.765 1.00 51.84 ? 114 HOH B O      1 
HETATM 791 O  O      . HOH E 3 .  ? -9.499  -0.006  -10.221 1.00 34.54 ? 115 HOH B O      1 
HETATM 792 O  O      . HOH E 3 .  ? -3.389  -4.388  -4.927  1.00 36.97 ? 116 HOH B O      1 
HETATM 793 O  O      . HOH E 3 .  ? 13.487  8.356   12.510  1.00 45.92 ? 117 HOH B O      1 
HETATM 794 O  O      . HOH E 3 .  ? -6.615  -1.079  -6.381  1.00 35.79 ? 118 HOH B O      1 
HETATM 795 O  O      . HOH E 3 .  ? -6.969  -5.956  1.962   1.00 52.66 ? 119 HOH B O      1 
# 
